data_5JRG
#
_entry.id   5JRG
#
_cell.length_a   99.491
_cell.length_b   108.773
_cell.length_c   169.571
_cell.angle_alpha   90.000
_cell.angle_beta   90.000
_cell.angle_gamma   90.000
#
_symmetry.space_group_name_H-M   'P 21 21 21'
#
loop_
_entity.id
_entity.type
_entity.pdbx_description
1 polymer 'Histone H3.1'
2 polymer 'Histone H4'
3 polymer 'Histone H2A type 1-B/E'
4 polymer 'Histone H2B type 1-J'
5 polymer 'DNA (145-MER)'
6 polymer 'DNA (145-MER)'
7 non-polymer 'CHLORIDE ION'
8 non-polymer 'MANGANESE (II) ION'
9 water water
#
loop_
_entity_poly.entity_id
_entity_poly.type
_entity_poly.pdbx_seq_one_letter_code
_entity_poly.pdbx_strand_id
1 'polypeptide(L)'
;GSHMARTKQTARKSTGGKAPRKQLATKAARKSAPATGGVKKPHRYRPGTVALREIRRYQKSTELLIRKLPFQRLVREIAQ
DFKTDLRFQSSAVMALQEACEAYLVGLFEDTNLCAIHAKRVTIMPKDIQLARRIRGERA
;
A,E
2 'polypeptide(L)'
;GSHMSGRGKGGKGLGKGGAKRHRKVLRDNIQGITKPAIRRLARRGGVKRISGLIYEETRGVLKVFLENVIRDAVTYTEHA
KRKTVTAMDVVYALKRQGRTLYGFGG
;
B,F
3 'polypeptide(L)'
;GSHMSGRGKQGGKARAKAKTRSSRAGLQFPVGRVHRLLRKGNYSERVGAGAPVYLAAVLEYLTAEILELAGNAARDNKKT
RIIPRHLQLAIRNDEELNKLLGRVTIAQGGVLPNIQAVLLPKKTESHHKAKGK
;
C,G
4 'polypeptide(L)'
;GSHMPEPAKSAPAPKKGSKKAVTKAQKKDGKKRKRSRKESYSIYVYKVLKQVHPDTGISSKAMGIMNSFVNDIFERIAGE
ASRLAHYNKRSTITSREIQTAVRLLLPGELAKHAVSEGTKAVTKYTSAK
;
D,H
5 'polydeoxyribonucleotide'
;(DA)(DT)(DC)(DA)(DA)(DT)(DA)(DT)(DC)(DC)(DA)(DC)(DC)(DT)(DG)(DC)(DA)(DG)(DA)(DT)
(DT)(DC)(DT)(DA)(DC)(DC)(DA)(DA)(DA)(DA)(DG)(DT)(DG)(DT)(DA)(DT)(DT)(DT)(DG)(DG)
(DA)(DA)(DA)(DC)(DT)(DG)(DC)(DT)(DC)(DC)(DA)(DT)(DC)(DA)(DA)(DA)(DA)(DG)(DG)(DC)
(DA)(DT)(DG)(DT)(DT)(DC)(DA)(DG)(DC)(DT)(DG)(DA)(DA)(DC)(DC)(DA)(DG)(DC)(DT)(DG)
(DA)(DA)(DC)(DA)(DT)(DG)(DC)(DC)(DT)(DT)(DT)(DT)(DG)(DA)(DT)(DG)(DG)(DA)(DG)(DC)
(DA)(DG)(DT)(DT)(DT)(DC)(DC)(DA)(DA)(DA)(DT)(DA)(DC)(DA)(DC)(DT)(3DR)(DT)(DT)
(DG)(DG)(DT)(DA)(DG)(DA)(DA)(DT)(DC)(DT)(DG)(DC)(DA)(DG)(DG)(DT)(DG)(DG)(DA)(DT)
(DA)(DT)(DT)(DG)(DA)(DT)
;
I
6 'polydeoxyribonucleotide'
;(DA)(DT)(DC)(DA)(DA)(DT)(DA)(DT)(DC)(DC)(DA)(DC)(DC)(DT)(DG)(DC)(DA)(DG)(DA)(DT)
(DT)(DC)(DT)(DA)(DC)(DC)(DA)(DA)(DA)(DA)(DG)(DT)(DG)(DT)(DA)(DT)(DT)(DT)(DG)(DG)
(DA)(DA)(DA)(DC)(DT)(DG)(DC)(DT)(DC)(DC)(DA)(DT)(DC)(DA)(DA)(DA)(DA)(DG)(DG)(DC)
(DA)(DT)(DG)(DT)(DT)(DC)(DA)(DG)(DC)(DT)(DG)(DG)(DT)(DT)(DC)(DA)(DG)(DC)(DT)(DG)
(DA)(DA)(DC)(DA)(DT)(DG)(DC)(DC)(DT)(DT)(DT)(DT)(DG)(DA)(DT)(DG)(DG)(DA)(DG)(DC)
(DA)(DG)(DT)(DT)(DT)(DC)(DC)(DA)(DA)(DA)(DT)(DA)(DC)(DA)(DC)(DT)(3DR)(DT)(DT)
(DG)(DG)(DT)(DA)(DG)(DA)(DA)(DT)(DC)(DT)(DG)(DC)(DA)(DG)(DG)(DT)(DG)(DG)(DA)(DT)
(DA)(DT)(DT)(DG)(DA)(DT)
;
J
#
loop_
_chem_comp.id
_chem_comp.type
_chem_comp.name
_chem_comp.formula
3DR DNA linking 1',2'-DIDEOXYRIBOFURANOSE-5'-PHOSPHATE 'C5 H11 O6 P'
CL non-polymer 'CHLORIDE ION' 'Cl -1'
DA DNA linking 2'-DEOXYADENOSINE-5'-MONOPHOSPHATE 'C10 H14 N5 O6 P'
DC DNA linking 2'-DEOXYCYTIDINE-5'-MONOPHOSPHATE 'C9 H14 N3 O7 P'
DG DNA linking 2'-DEOXYGUANOSINE-5'-MONOPHOSPHATE 'C10 H14 N5 O7 P'
DT DNA linking THYMIDINE-5'-MONOPHOSPHATE 'C10 H15 N2 O8 P'
MN non-polymer 'MANGANESE (II) ION' 'Mn 2'
#
# COMPACT_ATOMS: atom_id res chain seq x y z
N PRO A 42 -3.67 -17.51 53.06
CA PRO A 42 -4.32 -16.61 52.11
C PRO A 42 -4.31 -17.15 50.69
N HIS A 43 -5.26 -16.71 49.88
CA HIS A 43 -5.40 -17.18 48.51
C HIS A 43 -4.39 -16.56 47.55
N ARG A 44 -3.97 -17.35 46.57
CA ARG A 44 -3.04 -16.89 45.54
C ARG A 44 -3.29 -17.64 44.25
N TYR A 45 -3.42 -16.88 43.16
CA TYR A 45 -3.55 -17.53 41.87
C TYR A 45 -2.16 -17.88 41.39
N ARG A 46 -2.07 -18.93 40.60
CA ARG A 46 -0.76 -19.35 40.14
C ARG A 46 -0.40 -18.38 39.03
N PRO A 47 0.89 -18.00 38.94
CA PRO A 47 1.32 -17.02 37.94
C PRO A 47 0.93 -17.46 36.56
N GLY A 48 0.15 -16.62 35.89
CA GLY A 48 -0.32 -16.96 34.57
C GLY A 48 -1.84 -17.07 34.50
N THR A 49 -2.48 -17.31 35.65
CA THR A 49 -3.93 -17.53 35.64
C THR A 49 -4.67 -16.23 35.41
N VAL A 50 -4.26 -15.22 36.18
CA VAL A 50 -4.81 -13.88 36.09
C VAL A 50 -4.47 -13.24 34.77
N ALA A 51 -3.34 -13.65 34.19
CA ALA A 51 -2.92 -13.17 32.89
C ALA A 51 -3.92 -13.62 31.84
N LEU A 52 -4.28 -14.91 31.86
CA LEU A 52 -5.19 -15.43 30.87
C LEU A 52 -6.55 -14.79 31.05
N ARG A 53 -6.92 -14.59 32.30
CA ARG A 53 -8.17 -13.90 32.63
C ARG A 53 -8.18 -12.48 32.06
N GLU A 54 -7.03 -11.81 32.15
CA GLU A 54 -6.89 -10.48 31.60
C GLU A 54 -6.98 -10.48 30.04
N ILE A 55 -6.37 -11.46 29.40
CA ILE A 55 -6.49 -11.56 27.96
C ILE A 55 -7.95 -11.66 27.60
N ARG A 56 -8.68 -12.54 28.27
CA ARG A 56 -10.11 -12.68 27.96
C ARG A 56 -10.87 -11.36 28.20
N ARG A 57 -10.52 -10.69 29.28
CA ARG A 57 -11.26 -9.49 29.63
C ARG A 57 -11.09 -8.40 28.60
N TYR A 58 -9.85 -8.20 28.16
CA TYR A 58 -9.60 -7.08 27.27
C TYR A 58 -9.89 -7.43 25.81
N GLN A 59 -9.88 -8.71 25.48
CA GLN A 59 -10.25 -9.09 24.13
C GLN A 59 -11.76 -9.04 23.98
N LYS A 60 -12.45 -9.00 25.12
CA LYS A 60 -13.89 -8.94 25.07
C LYS A 60 -14.39 -7.50 25.02
N SER A 61 -13.54 -6.55 25.36
CA SER A 61 -13.96 -5.17 25.43
C SER A 61 -13.33 -4.30 24.34
N THR A 62 -13.79 -3.06 24.25
CA THR A 62 -13.38 -2.18 23.18
C THR A 62 -12.91 -0.83 23.68
N GLU A 63 -12.89 -0.63 24.99
CA GLU A 63 -12.52 0.68 25.53
C GLU A 63 -11.04 0.96 25.33
N LEU A 64 -10.67 2.21 25.16
CA LEU A 64 -9.27 2.59 25.05
C LEU A 64 -8.53 2.28 26.34
N LEU A 65 -7.28 1.84 26.23
CA LEU A 65 -6.56 1.22 27.34
C LEU A 65 -5.48 2.09 27.93
N ILE A 66 -5.12 3.16 27.24
CA ILE A 66 -4.23 4.16 27.77
C ILE A 66 -5.04 5.29 28.41
N ARG A 67 -4.56 5.82 29.52
CA ARG A 67 -5.26 6.92 30.17
C ARG A 67 -5.17 8.19 29.29
N LYS A 68 -6.27 8.94 29.25
CA LYS A 68 -6.43 10.02 28.29
C LYS A 68 -5.38 11.11 28.38
N LEU A 69 -5.21 11.63 29.58
CA LEU A 69 -4.36 12.78 29.78
C LEU A 69 -2.87 12.58 29.47
N PRO A 70 -2.26 11.49 29.98
CA PRO A 70 -0.86 11.29 29.58
C PRO A 70 -0.72 11.26 28.08
N PHE A 71 -1.68 10.58 27.45
CA PHE A 71 -1.61 10.40 26.03
C PHE A 71 -1.66 11.73 25.31
N GLN A 72 -2.62 12.57 25.70
CA GLN A 72 -2.75 13.89 25.15
C GLN A 72 -1.51 14.77 25.36
N ARG A 73 -0.91 14.69 26.54
CA ARG A 73 0.26 15.51 26.82
C ARG A 73 1.40 15.10 25.91
N LEU A 74 1.46 13.80 25.66
CA LEU A 74 2.44 13.24 24.74
C LEU A 74 2.23 13.72 23.29
N VAL A 75 0.97 13.65 22.86
CA VAL A 75 0.64 14.11 21.52
C VAL A 75 1.08 15.55 21.35
N ARG A 76 0.80 16.37 22.35
CA ARG A 76 1.12 17.78 22.25
C ARG A 76 2.62 18.05 22.26
N GLU A 77 3.36 17.31 23.04
CA GLU A 77 4.82 17.45 22.99
C GLU A 77 5.38 17.14 21.59
N ILE A 78 4.99 15.97 21.10
CA ILE A 78 5.48 15.54 19.81
C ILE A 78 5.15 16.58 18.77
N ALA A 79 3.89 16.99 18.69
CA ALA A 79 3.48 17.98 17.71
C ALA A 79 4.27 19.27 17.82
N GLN A 80 4.52 19.72 19.03
CA GLN A 80 5.17 21.00 19.19
C GLN A 80 6.61 20.90 18.68
N ASP A 81 7.16 19.69 18.62
CA ASP A 81 8.43 19.54 17.91
C ASP A 81 8.33 19.75 16.40
N PHE A 82 7.11 19.68 15.85
CA PHE A 82 6.91 19.92 14.41
C PHE A 82 6.38 21.32 14.09
N LYS A 83 5.42 21.78 14.88
CA LYS A 83 4.77 23.07 14.67
C LYS A 83 4.28 23.61 15.99
N THR A 84 4.50 24.90 16.18
CA THR A 84 4.27 25.50 17.48
C THR A 84 2.96 26.28 17.66
N ASP A 85 2.62 26.50 18.93
CA ASP A 85 1.37 27.14 19.34
C ASP A 85 0.21 26.46 18.64
N LEU A 86 0.25 25.13 18.63
CA LEU A 86 -0.84 24.34 18.06
C LEU A 86 -1.90 24.09 19.10
N ARG A 87 -3.12 23.94 18.63
CA ARG A 87 -4.23 23.51 19.44
C ARG A 87 -4.74 22.21 18.79
N PHE A 88 -5.56 21.45 19.51
CA PHE A 88 -6.06 20.18 19.02
C PHE A 88 -7.55 20.07 19.26
N GLN A 89 -8.31 19.67 18.24
CA GLN A 89 -9.67 19.27 18.51
C GLN A 89 -9.67 18.02 19.37
N SER A 90 -10.73 17.83 20.15
CA SER A 90 -10.79 16.68 21.05
C SER A 90 -10.90 15.38 20.27
N SER A 91 -11.68 15.38 19.20
CA SER A 91 -11.78 14.27 18.26
C SER A 91 -10.45 13.91 17.59
N ALA A 92 -9.61 14.91 17.34
CA ALA A 92 -8.31 14.67 16.72
C ALA A 92 -7.45 13.82 17.65
N VAL A 93 -7.47 14.17 18.92
CA VAL A 93 -6.70 13.43 19.89
C VAL A 93 -7.29 12.05 20.04
N MET A 94 -8.61 11.95 20.07
CA MET A 94 -9.25 10.63 20.14
C MET A 94 -8.90 9.72 18.97
N ALA A 95 -8.83 10.27 17.77
CA ALA A 95 -8.49 9.50 16.59
C ALA A 95 -7.04 9.04 16.68
N LEU A 96 -6.14 9.93 17.10
CA LEU A 96 -4.75 9.50 17.27
C LEU A 96 -4.66 8.37 18.29
N GLN A 97 -5.44 8.43 19.37
CA GLN A 97 -5.33 7.36 20.34
C GLN A 97 -5.93 6.05 19.84
N GLU A 98 -7.04 6.12 19.11
CA GLU A 98 -7.60 4.91 18.50
C GLU A 98 -6.60 4.24 17.59
N ALA A 99 -5.97 5.05 16.76
CA ALA A 99 -4.96 4.55 15.84
C ALA A 99 -3.80 3.92 16.62
N CYS A 100 -3.29 4.61 17.62
CA CYS A 100 -2.14 4.11 18.38
C CYS A 100 -2.43 2.81 19.04
N GLU A 101 -3.59 2.72 19.67
CA GLU A 101 -3.90 1.50 20.37
C GLU A 101 -4.12 0.36 19.44
N ALA A 102 -4.86 0.56 18.35
CA ALA A 102 -5.05 -0.53 17.40
C ALA A 102 -3.71 -1.03 16.83
N TYR A 103 -2.80 -0.12 16.51
CA TYR A 103 -1.47 -0.46 16.02
C TYR A 103 -0.71 -1.26 17.04
N LEU A 104 -0.73 -0.81 18.29
CA LEU A 104 0.05 -1.47 19.33
C LEU A 104 -0.49 -2.84 19.63
N VAL A 105 -1.81 -2.97 19.67
CA VAL A 105 -2.45 -4.27 19.84
C VAL A 105 -2.04 -5.23 18.71
N GLY A 106 -2.14 -4.79 17.45
CA GLY A 106 -1.73 -5.64 16.33
C GLY A 106 -0.25 -6.05 16.35
N LEU A 107 0.59 -5.08 16.73
CA LEU A 107 2.01 -5.32 16.87
C LEU A 107 2.33 -6.30 18.01
N PHE A 108 1.55 -6.26 19.07
CA PHE A 108 1.71 -7.21 20.14
C PHE A 108 1.28 -8.61 19.67
N GLU A 109 0.22 -8.70 18.87
CA GLU A 109 -0.14 -10.02 18.34
C GLU A 109 0.98 -10.64 17.55
N ASP A 110 1.58 -9.85 16.65
CA ASP A 110 2.70 -10.34 15.83
C ASP A 110 3.94 -10.70 16.66
N THR A 111 4.29 -9.81 17.58
CA THR A 111 5.37 -10.04 18.51
C THR A 111 5.24 -11.37 19.26
N ASN A 112 4.05 -11.62 19.76
CA ASN A 112 3.72 -12.84 20.44
C ASN A 112 3.85 -14.01 19.49
N LEU A 113 3.44 -13.87 18.23
CA LEU A 113 3.71 -14.98 17.30
C LEU A 113 5.22 -15.28 17.14
N CYS A 114 6.03 -14.23 17.19
CA CYS A 114 7.48 -14.39 17.08
C CYS A 114 8.11 -15.07 18.32
N ALA A 115 7.56 -14.73 19.48
CA ALA A 115 7.97 -15.40 20.71
C ALA A 115 7.58 -16.86 20.66
N ILE A 116 6.33 -17.16 20.31
CA ILE A 116 5.89 -18.53 20.23
C ILE A 116 6.80 -19.27 19.27
N HIS A 117 7.21 -18.59 18.21
CA HIS A 117 8.09 -19.18 17.20
C HIS A 117 9.43 -19.61 17.81
N ALA A 118 9.99 -18.79 18.70
CA ALA A 118 11.23 -19.17 19.36
C ALA A 118 10.97 -20.05 20.59
N LYS A 119 9.81 -20.70 20.61
CA LYS A 119 9.45 -21.65 21.66
C LYS A 119 9.39 -21.05 23.07
N ARG A 120 9.20 -19.73 23.17
CA ARG A 120 8.93 -19.09 24.45
C ARG A 120 7.44 -18.67 24.54
N VAL A 121 6.98 -18.30 25.73
CA VAL A 121 5.65 -17.73 25.84
C VAL A 121 5.76 -16.32 26.41
N THR A 122 6.98 -15.82 26.49
CA THR A 122 7.29 -14.47 26.98
C THR A 122 7.83 -13.57 25.89
N ILE A 123 7.16 -12.45 25.60
CA ILE A 123 7.62 -11.55 24.54
C ILE A 123 8.79 -10.69 25.01
N MET A 124 9.70 -10.40 24.09
CA MET A 124 10.92 -9.66 24.39
C MET A 124 11.17 -8.59 23.35
N PRO A 125 12.04 -7.62 23.65
CA PRO A 125 12.34 -6.60 22.66
C PRO A 125 12.68 -7.15 21.27
N LYS A 126 13.47 -8.22 21.24
CA LYS A 126 13.85 -8.89 20.01
C LYS A 126 12.65 -9.42 19.22
N ASP A 127 11.56 -9.77 19.90
CA ASP A 127 10.36 -10.18 19.19
C ASP A 127 9.71 -8.99 18.46
N ILE A 128 9.55 -7.89 19.18
CA ILE A 128 8.99 -6.67 18.63
C ILE A 128 9.81 -6.23 17.43
N GLN A 129 11.13 -6.37 17.53
CA GLN A 129 12.00 -5.98 16.44
C GLN A 129 11.87 -6.92 15.25
N LEU A 130 11.76 -8.21 15.49
CA LEU A 130 11.56 -9.12 14.36
C LEU A 130 10.26 -8.79 13.63
N ALA A 131 9.17 -8.62 14.38
CA ALA A 131 7.89 -8.24 13.77
C ALA A 131 8.01 -6.94 12.96
N ARG A 132 8.62 -5.93 13.55
CA ARG A 132 8.78 -4.66 12.86
C ARG A 132 9.66 -4.76 11.63
N ARG A 133 10.72 -5.57 11.67
CA ARG A 133 11.58 -5.66 10.51
C ARG A 133 10.87 -6.45 9.39
N ILE A 134 10.13 -7.50 9.71
CA ILE A 134 9.36 -8.21 8.68
C ILE A 134 8.22 -7.32 8.09
N ARG A 135 7.52 -6.58 8.93
CA ARG A 135 6.49 -5.63 8.49
C ARG A 135 7.02 -4.50 7.60
N GLY A 136 8.35 -4.41 7.49
CA GLY A 136 8.97 -3.32 6.78
C GLY A 136 8.85 -1.98 7.48
N GLU A 137 8.88 -1.98 8.81
CA GLU A 137 8.80 -0.74 9.58
C GLU A 137 10.18 -0.24 10.03
N ARG A 138 11.13 -1.16 10.16
CA ARG A 138 12.49 -0.79 10.55
C ARG A 138 13.54 -1.44 9.64
N ASN B 29 7.18 13.02 28.93
CA ASN B 29 5.78 12.61 28.99
C ASN B 29 5.54 11.17 28.56
N ILE B 30 6.49 10.60 27.85
CA ILE B 30 6.36 9.25 27.35
C ILE B 30 6.25 8.26 28.50
N GLN B 31 6.80 8.63 29.65
CA GLN B 31 6.73 7.77 30.80
C GLN B 31 5.29 7.74 31.29
N GLY B 32 4.47 8.64 30.76
CA GLY B 32 3.07 8.67 31.17
C GLY B 32 2.28 7.51 30.62
N ILE B 33 2.84 6.85 29.62
CA ILE B 33 2.26 5.61 29.11
C ILE B 33 2.83 4.52 29.98
N THR B 34 2.05 4.15 30.99
CA THR B 34 2.52 3.36 32.12
C THR B 34 2.64 1.88 31.87
N LYS B 35 3.35 1.21 32.76
CA LYS B 35 3.46 -0.24 32.66
C LYS B 35 2.08 -0.91 32.60
N PRO B 36 1.16 -0.60 33.52
CA PRO B 36 -0.15 -1.24 33.35
C PRO B 36 -0.87 -0.94 32.02
N ALA B 37 -0.77 0.27 31.48
CA ALA B 37 -1.44 0.56 30.20
C ALA B 37 -0.92 -0.33 29.08
N ILE B 38 0.39 -0.33 28.93
CA ILE B 38 1.10 -1.15 27.96
C ILE B 38 0.78 -2.63 28.19
N ARG B 39 0.62 -2.99 29.45
CA ARG B 39 0.27 -4.36 29.78
C ARG B 39 -1.12 -4.69 29.29
N ARG B 40 -2.06 -3.77 29.44
CA ARG B 40 -3.39 -4.04 28.94
C ARG B 40 -3.39 -4.17 27.41
N LEU B 41 -2.64 -3.29 26.74
CA LEU B 41 -2.56 -3.36 25.28
C LEU B 41 -2.04 -4.73 24.87
N ALA B 42 -0.99 -5.17 25.57
CA ALA B 42 -0.41 -6.48 25.30
C ALA B 42 -1.40 -7.61 25.59
N ARG B 43 -2.28 -7.41 26.56
CA ARG B 43 -3.24 -8.45 26.89
C ARG B 43 -4.29 -8.58 25.82
N ARG B 44 -4.79 -7.44 25.33
CA ARG B 44 -5.74 -7.44 24.21
C ARG B 44 -5.08 -8.11 23.00
N GLY B 45 -3.77 -7.90 22.86
CA GLY B 45 -2.96 -8.57 21.85
C GLY B 45 -2.71 -10.05 22.08
N GLY B 46 -3.27 -10.62 23.15
CA GLY B 46 -3.14 -12.03 23.48
C GLY B 46 -1.84 -12.48 24.15
N VAL B 47 -1.06 -11.52 24.65
CA VAL B 47 0.23 -11.80 25.24
C VAL B 47 0.09 -12.20 26.72
N LYS B 48 0.69 -13.32 27.08
CA LYS B 48 0.49 -13.89 28.40
C LYS B 48 1.57 -13.50 29.41
N ARG B 49 2.82 -13.52 29.00
CA ARG B 49 3.94 -13.22 29.88
C ARG B 49 4.75 -12.15 29.20
N ILE B 50 5.32 -11.21 29.96
CA ILE B 50 5.96 -10.03 29.39
C ILE B 50 7.30 -9.76 30.05
N SER B 51 8.38 -9.80 29.27
CA SER B 51 9.69 -9.36 29.75
C SER B 51 9.64 -7.92 30.19
N GLY B 52 10.46 -7.58 31.17
CA GLY B 52 10.47 -6.26 31.77
C GLY B 52 11.01 -5.18 30.86
N LEU B 53 11.72 -5.59 29.83
CA LEU B 53 12.30 -4.60 28.92
C LEU B 53 11.31 -4.16 27.87
N ILE B 54 10.14 -4.78 27.84
CA ILE B 54 9.16 -4.52 26.80
C ILE B 54 8.66 -3.10 26.88
N TYR B 55 8.45 -2.60 28.09
CA TYR B 55 7.82 -1.31 28.26
C TYR B 55 8.58 -0.13 27.63
N GLU B 56 9.90 -0.14 27.71
CA GLU B 56 10.70 0.91 27.08
C GLU B 56 10.72 0.75 25.57
N GLU B 57 10.82 -0.50 25.12
CA GLU B 57 10.79 -0.80 23.70
C GLU B 57 9.48 -0.26 23.11
N THR B 58 8.38 -0.59 23.78
CA THR B 58 7.04 -0.20 23.42
C THR B 58 6.89 1.31 23.39
N ARG B 59 7.47 1.98 24.36
CA ARG B 59 7.42 3.44 24.38
C ARG B 59 8.12 4.05 23.18
N GLY B 60 9.29 3.51 22.84
CA GLY B 60 10.02 3.98 21.68
C GLY B 60 9.19 3.83 20.42
N VAL B 61 8.60 2.65 20.28
CA VAL B 61 7.85 2.33 19.09
C VAL B 61 6.61 3.21 18.95
N LEU B 62 5.91 3.41 20.05
CA LEU B 62 4.74 4.27 20.06
C LEU B 62 5.14 5.70 19.67
N LYS B 63 6.27 6.18 20.19
CA LYS B 63 6.76 7.52 19.86
C LYS B 63 7.09 7.70 18.40
N VAL B 64 7.71 6.69 17.81
CA VAL B 64 8.00 6.71 16.38
C VAL B 64 6.71 6.78 15.57
N PHE B 65 5.76 5.92 15.92
CA PHE B 65 4.44 5.92 15.27
C PHE B 65 3.75 7.29 15.31
N LEU B 66 3.74 7.89 16.49
CA LEU B 66 3.07 9.16 16.72
C LEU B 66 3.78 10.26 15.98
N GLU B 67 5.11 10.23 15.97
CA GLU B 67 5.87 11.21 15.23
C GLU B 67 5.49 11.16 13.77
N ASN B 68 5.34 9.93 13.26
CA ASN B 68 5.09 9.76 11.84
C ASN B 68 3.73 10.27 11.45
N VAL B 69 2.74 9.95 12.27
CA VAL B 69 1.37 10.38 11.97
C VAL B 69 1.20 11.88 12.18
N ILE B 70 1.69 12.35 13.33
CA ILE B 70 1.52 13.74 13.75
C ILE B 70 2.23 14.70 12.80
N ARG B 71 3.39 14.28 12.27
CA ARG B 71 4.11 15.14 11.34
C ARG B 71 3.27 15.44 10.10
N ASP B 72 2.57 14.43 9.60
CA ASP B 72 1.67 14.60 8.45
C ASP B 72 0.38 15.34 8.81
N ALA B 73 -0.22 15.02 9.95
CA ALA B 73 -1.43 15.73 10.37
C ALA B 73 -1.16 17.21 10.48
N VAL B 74 0.03 17.56 11.00
CA VAL B 74 0.41 18.95 11.16
C VAL B 74 0.71 19.57 9.81
N THR B 75 1.38 18.84 8.91
CA THR B 75 1.57 19.33 7.55
C THR B 75 0.22 19.73 6.93
N TYR B 76 -0.76 18.86 7.10
CA TYR B 76 -2.10 19.15 6.60
C TYR B 76 -2.68 20.40 7.27
N THR B 77 -2.47 20.54 8.58
CA THR B 77 -2.92 21.72 9.30
C THR B 77 -2.31 23.02 8.79
N GLU B 78 -1.00 23.06 8.62
CA GLU B 78 -0.36 24.27 8.14
C GLU B 78 -0.80 24.55 6.71
N HIS B 79 -1.09 23.50 5.96
CA HIS B 79 -1.47 23.77 4.59
C HIS B 79 -2.78 24.52 4.56
N ALA B 80 -3.69 24.16 5.46
CA ALA B 80 -5.00 24.80 5.55
C ALA B 80 -4.96 26.15 6.29
N LYS B 81 -3.75 26.59 6.64
CA LYS B 81 -3.51 27.83 7.40
C LYS B 81 -4.24 27.90 8.75
N ARG B 82 -4.38 26.76 9.43
CA ARG B 82 -4.98 26.73 10.76
C ARG B 82 -3.93 26.63 11.87
N LYS B 83 -4.33 26.85 13.11
CA LYS B 83 -3.45 26.59 14.25
C LYS B 83 -4.02 25.47 15.09
N THR B 84 -5.20 24.97 14.69
CA THR B 84 -5.83 23.87 15.38
C THR B 84 -5.83 22.60 14.52
N VAL B 85 -5.21 21.52 15.03
CA VAL B 85 -5.26 20.23 14.37
C VAL B 85 -6.64 19.62 14.45
N THR B 86 -7.25 19.36 13.29
CA THR B 86 -8.60 18.82 13.21
C THR B 86 -8.58 17.31 13.03
N ALA B 87 -9.73 16.66 13.22
CA ALA B 87 -9.80 15.20 13.11
C ALA B 87 -9.46 14.72 11.72
N MET B 88 -9.93 15.45 10.71
CA MET B 88 -9.62 15.16 9.32
C MET B 88 -8.12 15.18 9.01
N ASP B 89 -7.39 16.14 9.57
CA ASP B 89 -5.94 16.13 9.43
C ASP B 89 -5.33 14.80 9.90
N VAL B 90 -5.78 14.32 11.06
CA VAL B 90 -5.32 13.04 11.57
C VAL B 90 -5.75 11.88 10.65
N VAL B 91 -7.03 11.84 10.26
CA VAL B 91 -7.56 10.82 9.37
C VAL B 91 -6.85 10.72 8.01
N TYR B 92 -6.53 11.87 7.41
CA TYR B 92 -5.83 11.90 6.14
C TYR B 92 -4.41 11.45 6.31
N ALA B 93 -3.80 11.87 7.41
CA ALA B 93 -2.43 11.49 7.71
C ALA B 93 -2.35 9.97 7.90
N LEU B 94 -3.31 9.41 8.62
CA LEU B 94 -3.40 7.98 8.83
C LEU B 94 -3.59 7.26 7.52
N LYS B 95 -4.42 7.80 6.64
CA LYS B 95 -4.66 7.16 5.35
C LYS B 95 -3.36 7.14 4.53
N ARG B 96 -2.56 8.20 4.61
CA ARG B 96 -1.27 8.17 3.92
C ARG B 96 -0.32 7.11 4.45
N GLN B 97 -0.33 6.87 5.76
CA GLN B 97 0.55 5.89 6.39
C GLN B 97 0.07 4.46 6.24
N GLY B 98 -0.98 4.24 5.46
CA GLY B 98 -1.52 2.91 5.31
C GLY B 98 -2.13 2.43 6.59
N ARG B 99 -2.66 3.36 7.39
CA ARG B 99 -3.31 3.02 8.64
C ARG B 99 -4.73 3.56 8.72
N THR B 100 -5.51 3.42 7.65
CA THR B 100 -6.86 3.97 7.57
C THR B 100 -7.74 3.71 8.78
N LEU B 101 -8.46 4.74 9.23
CA LEU B 101 -9.33 4.70 10.39
C LEU B 101 -10.76 5.04 10.02
N TYR B 102 -11.70 4.17 10.36
CA TYR B 102 -13.10 4.46 10.11
C TYR B 102 -13.69 5.06 11.38
N GLY B 103 -14.56 6.06 11.22
CA GLY B 103 -15.29 6.57 12.35
C GLY B 103 -14.99 7.97 12.85
N PHE B 104 -14.12 8.70 12.17
CA PHE B 104 -13.87 10.06 12.64
C PHE B 104 -14.04 11.05 11.52
N GLY B 105 -14.86 10.69 10.53
CA GLY B 105 -15.16 11.60 9.46
C GLY B 105 -14.61 11.16 8.14
N GLY B 106 -14.01 9.98 8.14
CA GLY B 106 -13.38 9.41 6.98
C GLY B 106 -12.62 8.22 7.52
N ALA C 16 8.08 39.07 -28.92
CA ALA C 16 9.47 38.89 -28.52
C ALA C 16 9.97 37.49 -28.88
N LYS C 17 11.29 37.30 -28.84
CA LYS C 17 11.90 35.99 -29.11
C LYS C 17 11.55 34.98 -28.01
N ALA C 18 10.98 33.85 -28.42
CA ALA C 18 10.47 32.84 -27.50
C ALA C 18 11.51 32.28 -26.53
N LYS C 19 11.17 32.33 -25.24
CA LYS C 19 12.00 31.82 -24.16
C LYS C 19 11.26 30.66 -23.46
N THR C 20 11.84 29.44 -23.47
CA THR C 20 11.17 28.32 -22.81
C THR C 20 11.00 28.59 -21.32
N ARG C 21 9.95 28.00 -20.72
CA ARG C 21 9.70 28.14 -19.28
C ARG C 21 10.80 27.49 -18.42
N SER C 22 11.33 26.39 -18.90
CA SER C 22 12.45 25.76 -18.23
C SER C 22 13.64 26.71 -18.12
N SER C 23 13.89 27.49 -19.15
CA SER C 23 15.01 28.40 -19.11
C SER C 23 14.75 29.52 -18.14
N ARG C 24 13.54 30.08 -18.16
CA ARG C 24 13.18 31.12 -17.22
C ARG C 24 13.36 30.65 -15.80
N ALA C 25 13.12 29.36 -15.56
CA ALA C 25 13.15 28.86 -14.19
C ALA C 25 14.51 28.29 -13.83
N GLY C 26 15.36 28.15 -14.86
CA GLY C 26 16.69 27.60 -14.71
C GLY C 26 16.78 26.12 -14.54
N LEU C 27 15.91 25.37 -15.20
CA LEU C 27 15.78 23.94 -14.99
C LEU C 27 16.22 23.16 -16.20
N GLN C 28 16.65 21.91 -16.00
CA GLN C 28 16.96 21.04 -17.13
C GLN C 28 15.73 20.25 -17.54
N PHE C 29 14.79 20.07 -16.61
CA PHE C 29 13.59 19.28 -16.91
C PHE C 29 12.54 20.13 -17.66
N PRO C 30 11.70 19.47 -18.47
CA PRO C 30 10.83 20.24 -19.37
C PRO C 30 9.57 20.75 -18.68
N VAL C 31 9.50 22.05 -18.37
CA VAL C 31 8.37 22.66 -17.65
C VAL C 31 7.04 22.61 -18.39
N GLY C 32 7.09 22.79 -19.70
CA GLY C 32 5.89 22.76 -20.52
C GLY C 32 5.30 21.37 -20.50
N ARG C 33 6.16 20.38 -20.72
CA ARG C 33 5.73 18.99 -20.66
C ARG C 33 5.09 18.66 -19.31
N VAL C 34 5.71 19.10 -18.24
CA VAL C 34 5.18 18.77 -16.93
C VAL C 34 3.84 19.44 -16.78
N HIS C 35 3.68 20.63 -17.33
CA HIS C 35 2.41 21.33 -17.27
C HIS C 35 1.29 20.59 -17.99
N ARG C 36 1.57 20.20 -19.22
CA ARG C 36 0.66 19.42 -20.03
C ARG C 36 0.25 18.15 -19.29
N LEU C 37 1.21 17.43 -18.74
CA LEU C 37 0.92 16.19 -18.05
C LEU C 37 0.05 16.45 -16.82
N LEU C 38 0.30 17.55 -16.11
CA LEU C 38 -0.61 17.94 -15.01
C LEU C 38 -2.04 18.28 -15.46
N ARG C 39 -2.17 18.96 -16.59
CA ARG C 39 -3.48 19.38 -17.07
C ARG C 39 -4.29 18.19 -17.56
N LYS C 40 -3.61 17.22 -18.14
CA LYS C 40 -4.27 16.08 -18.80
C LYS C 40 -4.34 14.84 -17.93
N GLY C 41 -3.88 14.95 -16.69
CA GLY C 41 -3.92 13.82 -15.79
C GLY C 41 -5.11 13.87 -14.84
N ASN C 42 -5.96 14.87 -14.99
CA ASN C 42 -7.11 15.00 -14.13
C ASN C 42 -6.77 15.07 -12.64
N TYR C 43 -5.87 15.97 -12.28
CA TYR C 43 -5.56 16.12 -10.89
C TYR C 43 -6.40 17.22 -10.26
N SER C 44 -6.80 18.19 -11.07
CA SER C 44 -7.71 19.24 -10.62
C SER C 44 -8.26 19.99 -11.82
N GLU C 45 -9.25 20.83 -11.57
CA GLU C 45 -9.87 21.55 -12.64
C GLU C 45 -8.84 22.48 -13.30
N ARG C 46 -8.03 23.12 -12.45
CA ARG C 46 -7.08 24.13 -12.91
C ARG C 46 -5.71 23.85 -12.35
N VAL C 47 -4.68 24.22 -13.08
CA VAL C 47 -3.31 24.12 -12.59
C VAL C 47 -2.63 25.47 -12.65
N GLY C 48 -2.10 25.93 -11.51
CA GLY C 48 -1.42 27.21 -11.45
C GLY C 48 -0.17 27.23 -12.30
N ALA C 49 0.25 28.43 -12.69
CA ALA C 49 1.41 28.60 -13.53
C ALA C 49 2.70 28.19 -12.84
N GLY C 50 2.71 28.27 -11.51
CA GLY C 50 3.88 27.92 -10.71
C GLY C 50 4.04 26.44 -10.37
N ALA C 51 2.95 25.69 -10.39
CA ALA C 51 2.99 24.25 -10.07
C ALA C 51 3.93 23.41 -10.98
N PRO C 52 3.89 23.60 -12.30
CA PRO C 52 4.77 22.76 -13.08
C PRO C 52 6.28 23.11 -12.95
N VAL C 53 6.57 24.32 -12.49
CA VAL C 53 7.95 24.76 -12.32
C VAL C 53 8.53 24.10 -11.12
N TYR C 54 7.78 24.18 -10.03
CA TYR C 54 8.13 23.55 -8.77
C TYR C 54 8.27 22.05 -8.95
N LEU C 55 7.27 21.42 -9.57
CA LEU C 55 7.33 19.97 -9.75
C LEU C 55 8.47 19.56 -10.66
N ALA C 56 8.71 20.31 -11.73
CA ALA C 56 9.82 20.00 -12.61
C ALA C 56 11.12 20.08 -11.85
N ALA C 57 11.26 21.11 -11.05
CA ALA C 57 12.48 21.26 -10.27
C ALA C 57 12.67 20.10 -9.30
N VAL C 58 11.62 19.69 -8.57
CA VAL C 58 11.73 18.56 -7.66
C VAL C 58 12.13 17.26 -8.36
N LEU C 59 11.56 17.00 -9.53
CA LEU C 59 11.93 15.82 -10.30
C LEU C 59 13.39 15.83 -10.76
N GLU C 60 13.83 16.99 -11.23
CA GLU C 60 15.22 17.18 -11.61
C GLU C 60 16.15 16.95 -10.40
N TYR C 61 15.74 17.42 -9.24
CA TYR C 61 16.52 17.27 -8.04
C TYR C 61 16.67 15.82 -7.61
N LEU C 62 15.56 15.09 -7.56
CA LEU C 62 15.62 13.70 -7.12
C LEU C 62 16.41 12.87 -8.13
N THR C 63 16.21 13.15 -9.41
CA THR C 63 17.02 12.54 -10.46
C THR C 63 18.52 12.78 -10.29
N ALA C 64 18.87 14.01 -9.90
CA ALA C 64 20.27 14.39 -9.70
C ALA C 64 20.90 13.68 -8.52
N GLU C 65 20.14 13.59 -7.43
CA GLU C 65 20.55 12.89 -6.23
C GLU C 65 20.85 11.41 -6.50
N ILE C 66 19.92 10.79 -7.19
CA ILE C 66 20.05 9.38 -7.51
C ILE C 66 21.19 9.12 -8.53
N LEU C 67 21.36 10.00 -9.52
CA LEU C 67 22.43 9.84 -10.53
C LEU C 67 23.81 10.13 -9.95
N GLU C 68 23.85 11.02 -8.97
CA GLU C 68 25.06 11.27 -8.18
C GLU C 68 25.54 9.99 -7.51
N LEU C 69 24.66 9.42 -6.69
CA LEU C 69 25.03 8.23 -5.94
C LEU C 69 25.35 7.05 -6.84
N ALA C 70 24.59 6.91 -7.93
CA ALA C 70 24.83 5.79 -8.83
C ALA C 70 26.08 5.97 -9.66
N GLY C 71 26.40 7.20 -10.03
CA GLY C 71 27.68 7.45 -10.69
C GLY C 71 28.82 7.03 -9.76
N ASN C 72 28.70 7.37 -8.48
CA ASN C 72 29.69 6.89 -7.52
C ASN C 72 29.77 5.35 -7.49
N ALA C 73 28.63 4.68 -7.41
CA ALA C 73 28.62 3.20 -7.36
C ALA C 73 29.30 2.65 -8.60
N ALA C 74 29.04 3.30 -9.71
CA ALA C 74 29.59 2.89 -11.00
C ALA C 74 31.10 3.06 -11.06
N ARG C 75 31.64 4.09 -10.42
CA ARG C 75 33.07 4.32 -10.55
C ARG C 75 33.77 3.46 -9.50
N ASP C 76 33.03 3.06 -8.48
CA ASP C 76 33.55 2.07 -7.53
C ASP C 76 33.68 0.67 -8.17
N ASN C 77 32.93 0.42 -9.22
CA ASN C 77 32.88 -0.86 -9.89
C ASN C 77 33.71 -0.69 -11.16
N LYS C 78 34.38 0.44 -11.20
CA LYS C 78 35.26 0.80 -12.29
C LYS C 78 34.51 0.71 -13.60
N LYS C 79 33.35 1.36 -13.67
CA LYS C 79 32.63 1.40 -14.93
C LYS C 79 32.39 2.83 -15.28
N THR C 80 32.39 3.14 -16.56
CA THR C 80 32.09 4.51 -16.94
C THR C 80 30.64 4.65 -17.28
N ARG C 81 29.94 3.53 -17.36
CA ARG C 81 28.52 3.56 -17.67
C ARG C 81 27.66 2.99 -16.53
N ILE C 82 26.66 3.76 -16.10
CA ILE C 82 25.71 3.30 -15.10
C ILE C 82 24.80 2.15 -15.60
N ILE C 83 24.69 1.09 -14.82
CA ILE C 83 23.78 -0.01 -15.09
C ILE C 83 22.81 -0.15 -13.92
N PRO C 84 21.71 -0.92 -14.09
CA PRO C 84 20.71 -0.98 -13.01
C PRO C 84 21.24 -1.44 -11.65
N ARG C 85 22.23 -2.31 -11.65
CA ARG C 85 22.91 -2.69 -10.43
C ARG C 85 23.41 -1.46 -9.65
N HIS C 86 23.91 -0.43 -10.33
CA HIS C 86 24.48 0.75 -9.65
C HIS C 86 23.38 1.60 -9.06
N LEU C 87 22.26 1.64 -9.76
CA LEU C 87 21.08 2.30 -9.26
C LEU C 87 20.61 1.65 -7.99
N GLN C 88 20.54 0.30 -7.99
CA GLN C 88 20.18 -0.44 -6.77
C GLN C 88 21.10 -0.15 -5.61
N LEU C 89 22.39 -0.32 -5.85
CA LEU C 89 23.38 -0.08 -4.82
C LEU C 89 23.22 1.32 -4.28
N ALA C 90 22.98 2.28 -5.16
CA ALA C 90 22.85 3.65 -4.69
C ALA C 90 21.60 3.86 -3.84
N ILE C 91 20.45 3.32 -4.28
CA ILE C 91 19.21 3.45 -3.52
C ILE C 91 19.32 2.77 -2.15
N ARG C 92 19.76 1.51 -2.15
CA ARG C 92 19.70 0.73 -0.93
C ARG C 92 20.75 1.10 0.11
N ASN C 93 21.86 1.69 -0.28
CA ASN C 93 22.88 2.11 0.69
C ASN C 93 22.61 3.49 1.24
N ASP C 94 21.49 4.07 0.87
CA ASP C 94 21.11 5.42 1.25
C ASP C 94 19.80 5.43 1.98
N GLU C 95 19.78 5.73 3.29
CA GLU C 95 18.58 5.58 4.12
C GLU C 95 17.31 6.20 3.53
N GLU C 96 17.44 7.41 3.01
CA GLU C 96 16.27 8.11 2.52
C GLU C 96 15.77 7.69 1.15
N LEU C 97 16.66 7.42 0.21
CA LEU C 97 16.19 6.92 -1.07
C LEU C 97 15.60 5.53 -0.82
N ASN C 98 16.24 4.77 0.04
CA ASN C 98 15.76 3.46 0.36
C ASN C 98 14.36 3.54 0.93
N LYS C 99 14.10 4.55 1.74
CA LYS C 99 12.78 4.75 2.30
C LYS C 99 11.79 5.18 1.22
N LEU C 100 12.20 6.10 0.34
CA LEU C 100 11.30 6.58 -0.70
C LEU C 100 10.94 5.48 -1.70
N LEU C 101 11.88 4.59 -1.98
CA LEU C 101 11.67 3.52 -2.93
C LEU C 101 11.60 2.17 -2.21
N GLY C 102 11.03 2.19 -1.01
CA GLY C 102 10.95 1.04 -0.16
C GLY C 102 10.04 -0.06 -0.63
N ARG C 103 9.13 0.30 -1.52
CA ARG C 103 8.14 -0.59 -2.07
C ARG C 103 8.32 -0.71 -3.56
N VAL C 104 9.55 -0.58 -4.01
CA VAL C 104 9.88 -0.55 -5.42
C VAL C 104 10.96 -1.57 -5.74
N THR C 105 10.84 -2.21 -6.89
CA THR C 105 11.83 -3.15 -7.36
C THR C 105 12.60 -2.59 -8.53
N ILE C 106 13.94 -2.62 -8.43
CA ILE C 106 14.79 -2.24 -9.54
C ILE C 106 15.06 -3.49 -10.33
N ALA C 107 14.59 -3.56 -11.56
CA ALA C 107 14.82 -4.74 -12.39
C ALA C 107 16.29 -4.88 -12.67
N GLN C 108 16.80 -6.09 -12.62
CA GLN C 108 18.22 -6.37 -12.81
C GLN C 108 19.09 -5.59 -11.82
N GLY C 109 18.63 -5.43 -10.60
CA GLY C 109 19.37 -4.69 -9.61
C GLY C 109 20.08 -5.52 -8.58
N GLY C 110 19.61 -6.74 -8.37
CA GLY C 110 20.16 -7.61 -7.36
C GLY C 110 19.87 -7.11 -5.97
N VAL C 111 20.60 -7.62 -4.99
CA VAL C 111 20.49 -7.26 -3.59
C VAL C 111 21.87 -6.85 -3.07
N LEU C 112 21.88 -6.24 -1.89
CA LEU C 112 23.13 -5.84 -1.25
C LEU C 112 23.84 -7.01 -0.61
N PRO C 113 25.16 -7.10 -0.78
CA PRO C 113 25.92 -8.12 -0.04
C PRO C 113 25.65 -8.05 1.44
N ASN C 114 25.14 -9.13 2.01
CA ASN C 114 24.78 -9.20 3.42
C ASN C 114 24.66 -10.66 3.88
N ILE C 115 25.53 -11.09 4.77
CA ILE C 115 25.41 -12.43 5.32
C ILE C 115 25.25 -12.33 6.83
N GLN C 116 24.15 -12.83 7.37
CA GLN C 116 23.93 -12.81 8.80
C GLN C 116 25.11 -13.45 9.52
N ALA C 117 25.66 -12.75 10.51
CA ALA C 117 26.89 -13.16 11.20
C ALA C 117 26.93 -14.61 11.65
N VAL C 118 25.84 -15.05 12.28
CA VAL C 118 25.70 -16.39 12.82
C VAL C 118 25.95 -17.51 11.81
N LEU C 119 25.96 -17.17 10.54
CA LEU C 119 26.10 -18.15 9.48
C LEU C 119 27.57 -18.36 9.10
N LEU C 120 28.45 -17.50 9.62
CA LEU C 120 29.86 -17.58 9.30
C LEU C 120 30.54 -18.70 10.07
N PRO C 121 31.62 -19.24 9.52
CA PRO C 121 32.25 -20.34 10.25
C PRO C 121 32.78 -19.90 11.61
N LYS C 122 32.91 -20.87 12.52
CA LYS C 122 33.43 -20.65 13.86
C LYS C 122 34.96 -20.63 13.88
N LYS D 31 -0.03 0.71 -49.18
CA LYS D 31 0.87 1.59 -49.93
C LYS D 31 1.18 2.87 -49.16
N LYS D 32 0.18 3.48 -48.53
CA LYS D 32 0.49 4.63 -47.69
C LYS D 32 1.09 4.14 -46.39
N ARG D 33 1.92 4.96 -45.75
CA ARG D 33 2.77 4.47 -44.67
C ARG D 33 2.45 5.08 -43.29
N LYS D 34 2.88 4.39 -42.22
CA LYS D 34 2.44 4.69 -40.84
C LYS D 34 3.60 4.70 -39.83
N ARG D 35 3.67 5.68 -38.91
CA ARG D 35 4.57 5.59 -37.75
C ARG D 35 4.15 6.54 -36.61
N SER D 36 4.74 6.45 -35.40
CA SER D 36 4.26 7.27 -34.25
C SER D 36 5.37 7.78 -33.31
N ARG D 37 4.99 8.64 -32.35
CA ARG D 37 5.94 9.35 -31.47
C ARG D 37 5.77 9.17 -29.93
N LYS D 38 6.77 8.63 -29.25
CA LYS D 38 6.69 8.42 -27.81
C LYS D 38 7.62 9.34 -27.04
N GLU D 39 7.10 9.96 -26.00
CA GLU D 39 7.92 10.84 -25.19
C GLU D 39 8.49 10.15 -23.95
N SER D 40 9.64 10.63 -23.49
CA SER D 40 10.23 10.13 -22.27
C SER D 40 11.18 11.16 -21.69
N TYR D 41 11.73 10.88 -20.52
CA TYR D 41 12.56 11.87 -19.86
C TYR D 41 14.04 11.73 -20.16
N SER D 42 14.37 10.80 -21.04
CA SER D 42 15.74 10.43 -21.32
C SER D 42 16.73 11.58 -21.53
N ILE D 43 16.34 12.53 -22.36
CA ILE D 43 17.19 13.62 -22.71
C ILE D 43 17.53 14.46 -21.49
N TYR D 44 16.56 14.59 -20.60
CA TYR D 44 16.70 15.43 -19.45
C TYR D 44 17.51 14.73 -18.38
N VAL D 45 17.26 13.44 -18.18
CA VAL D 45 18.07 12.62 -17.29
C VAL D 45 19.52 12.63 -17.72
N TYR D 46 19.73 12.55 -19.02
CA TYR D 46 21.07 12.54 -19.57
C TYR D 46 21.72 13.89 -19.28
N LYS D 47 20.99 14.97 -19.54
CA LYS D 47 21.55 16.27 -19.23
C LYS D 47 21.99 16.37 -17.75
N VAL D 48 21.13 15.92 -16.84
CA VAL D 48 21.47 15.96 -15.41
C VAL D 48 22.70 15.08 -15.11
N LEU D 49 22.77 13.92 -15.73
CA LEU D 49 23.91 13.00 -15.58
C LEU D 49 25.22 13.67 -15.99
N LYS D 50 25.19 14.43 -17.07
CA LYS D 50 26.36 15.14 -17.49
C LYS D 50 26.72 16.22 -16.48
N GLN D 51 25.73 16.85 -15.88
CA GLN D 51 26.06 17.82 -14.84
C GLN D 51 26.77 17.20 -13.66
N VAL D 52 26.24 16.11 -13.10
CA VAL D 52 26.84 15.57 -11.87
C VAL D 52 28.03 14.64 -12.13
N HIS D 53 28.07 14.01 -13.30
CA HIS D 53 29.15 13.11 -13.67
C HIS D 53 29.50 13.27 -15.13
N PRO D 54 30.32 14.27 -15.47
CA PRO D 54 30.59 14.55 -16.88
C PRO D 54 31.16 13.38 -17.66
N ASP D 55 31.91 12.51 -16.97
CA ASP D 55 32.58 11.37 -17.59
C ASP D 55 31.72 10.16 -17.81
N THR D 56 30.58 10.10 -17.13
CA THR D 56 29.82 8.87 -17.03
C THR D 56 28.65 8.81 -18.01
N GLY D 57 28.41 7.62 -18.53
CA GLY D 57 27.25 7.34 -19.37
C GLY D 57 26.28 6.43 -18.66
N ILE D 58 25.39 5.80 -19.42
CA ILE D 58 24.32 5.05 -18.81
C ILE D 58 23.73 4.06 -19.80
N SER D 59 23.48 2.84 -19.35
CA SER D 59 22.91 1.83 -20.21
C SER D 59 21.42 2.09 -20.42
N SER D 60 20.86 1.62 -21.53
CA SER D 60 19.45 1.84 -21.85
C SER D 60 18.50 1.25 -20.81
N LYS D 61 18.91 0.17 -20.19
CA LYS D 61 18.11 -0.42 -19.16
C LYS D 61 18.09 0.46 -17.91
N ALA D 62 19.25 1.00 -17.57
CA ALA D 62 19.35 1.96 -16.47
C ALA D 62 18.48 3.15 -16.77
N MET D 63 18.48 3.58 -18.02
CA MET D 63 17.68 4.72 -18.42
C MET D 63 16.19 4.39 -18.27
N GLY D 64 15.81 3.15 -18.55
CA GLY D 64 14.44 2.71 -18.31
C GLY D 64 14.07 2.76 -16.84
N ILE D 65 14.99 2.32 -15.98
CA ILE D 65 14.80 2.51 -14.56
C ILE D 65 14.56 4.00 -14.24
N MET D 66 15.35 4.90 -14.81
CA MET D 66 15.21 6.32 -14.46
C MET D 66 13.90 6.93 -14.99
N ASN D 67 13.47 6.53 -16.17
CA ASN D 67 12.17 6.96 -16.67
C ASN D 67 11.05 6.48 -15.76
N SER D 68 11.13 5.22 -15.31
CA SER D 68 10.11 4.72 -14.39
C SER D 68 10.09 5.57 -13.15
N PHE D 69 11.27 5.91 -12.65
CA PHE D 69 11.40 6.72 -11.43
C PHE D 69 10.72 8.07 -11.59
N VAL D 70 11.05 8.81 -12.66
CA VAL D 70 10.45 10.14 -12.85
C VAL D 70 8.92 10.05 -12.96
N ASN D 71 8.41 9.10 -13.74
CA ASN D 71 6.96 8.94 -13.80
C ASN D 71 6.30 8.57 -12.46
N ASP D 72 6.99 7.74 -11.69
CA ASP D 72 6.49 7.28 -10.42
C ASP D 72 6.36 8.43 -9.40
N ILE D 73 7.46 9.16 -9.19
CA ILE D 73 7.44 10.29 -8.27
C ILE D 73 6.49 11.35 -8.77
N PHE D 74 6.45 11.54 -10.08
CA PHE D 74 5.50 12.48 -10.67
C PHE D 74 4.08 12.17 -10.20
N GLU D 75 3.66 10.93 -10.42
CA GLU D 75 2.29 10.56 -10.13
C GLU D 75 2.06 10.60 -8.63
N ARG D 76 3.04 10.25 -7.83
CA ARG D 76 2.82 10.33 -6.39
C ARG D 76 2.59 11.76 -5.88
N ILE D 77 3.41 12.68 -6.35
CA ILE D 77 3.30 14.08 -5.96
C ILE D 77 2.00 14.68 -6.49
N ALA D 78 1.71 14.44 -7.76
CA ALA D 78 0.51 15.00 -8.35
C ALA D 78 -0.74 14.44 -7.65
N GLY D 79 -0.73 13.17 -7.30
CA GLY D 79 -1.84 12.58 -6.57
C GLY D 79 -2.02 13.15 -5.17
N GLU D 80 -0.92 13.28 -4.46
CA GLU D 80 -0.96 13.92 -3.16
C GLU D 80 -1.48 15.37 -3.24
N ALA D 81 -1.08 16.07 -4.29
CA ALA D 81 -1.56 17.44 -4.52
C ALA D 81 -3.02 17.47 -4.89
N SER D 82 -3.48 16.45 -5.60
CA SER D 82 -4.87 16.37 -5.98
C SER D 82 -5.72 16.18 -4.73
N ARG D 83 -5.36 15.21 -3.91
CA ARG D 83 -6.12 14.93 -2.69
C ARG D 83 -6.13 16.16 -1.80
N LEU D 84 -4.95 16.74 -1.62
CA LEU D 84 -4.78 17.98 -0.88
C LEU D 84 -5.73 19.09 -1.33
N ALA D 85 -5.77 19.32 -2.63
CA ALA D 85 -6.62 20.37 -3.16
C ALA D 85 -8.07 20.04 -2.92
N HIS D 86 -8.42 18.77 -3.04
CA HIS D 86 -9.79 18.33 -2.82
C HIS D 86 -10.21 18.49 -1.34
N TYR D 87 -9.35 18.11 -0.40
CA TYR D 87 -9.66 18.25 1.01
C TYR D 87 -9.98 19.68 1.39
N ASN D 88 -9.26 20.61 0.77
CA ASN D 88 -9.37 22.02 1.11
C ASN D 88 -10.31 22.79 0.21
N LYS D 89 -11.15 22.08 -0.54
CA LYS D 89 -12.15 22.72 -1.39
C LYS D 89 -11.50 23.72 -2.35
N ARG D 90 -10.46 23.29 -3.05
CA ARG D 90 -9.79 24.16 -3.98
C ARG D 90 -9.74 23.48 -5.33
N SER D 91 -9.94 24.23 -6.39
CA SER D 91 -10.07 23.61 -7.68
C SER D 91 -8.83 23.83 -8.51
N THR D 92 -7.88 24.58 -7.98
CA THR D 92 -6.63 24.83 -8.68
C THR D 92 -5.49 24.24 -7.85
N ILE D 93 -4.58 23.56 -8.52
CA ILE D 93 -3.36 23.05 -7.88
C ILE D 93 -2.23 24.05 -8.09
N THR D 94 -1.74 24.67 -7.02
CA THR D 94 -0.69 25.68 -7.17
C THR D 94 0.65 25.18 -6.66
N SER D 95 1.63 26.06 -6.67
CA SER D 95 2.98 25.65 -6.27
C SER D 95 2.99 25.34 -4.78
N ARG D 96 2.04 25.91 -4.08
CA ARG D 96 1.86 25.59 -2.69
C ARG D 96 1.40 24.15 -2.43
N GLU D 97 0.41 23.66 -3.19
CA GLU D 97 -0.02 22.26 -3.05
C GLU D 97 1.11 21.34 -3.40
N ILE D 98 1.88 21.69 -4.43
CA ILE D 98 2.98 20.86 -4.82
C ILE D 98 3.97 20.82 -3.68
N GLN D 99 4.20 21.96 -3.05
CA GLN D 99 5.17 22.00 -1.96
C GLN D 99 4.74 21.14 -0.78
N THR D 100 3.46 21.25 -0.40
CA THR D 100 2.98 20.42 0.68
C THR D 100 3.05 18.93 0.33
N ALA D 101 2.67 18.58 -0.88
CA ALA D 101 2.72 17.18 -1.30
C ALA D 101 4.14 16.64 -1.19
N VAL D 102 5.10 17.45 -1.60
CA VAL D 102 6.51 17.10 -1.49
C VAL D 102 6.92 16.92 -0.03
N ARG D 103 6.41 17.76 0.87
CA ARG D 103 6.72 17.53 2.28
C ARG D 103 6.12 16.24 2.81
N LEU D 104 4.91 15.91 2.33
CA LEU D 104 4.23 14.69 2.75
C LEU D 104 4.93 13.43 2.28
N LEU D 105 5.46 13.48 1.07
CA LEU D 105 6.00 12.28 0.45
C LEU D 105 7.47 12.02 0.67
N LEU D 106 8.27 13.06 0.83
CA LEU D 106 9.69 12.80 0.90
C LEU D 106 10.18 12.74 2.32
N PRO D 107 11.14 11.85 2.58
CA PRO D 107 11.77 11.78 3.89
C PRO D 107 12.73 12.95 4.14
N GLY D 108 12.57 13.63 5.28
CA GLY D 108 13.62 14.43 5.87
C GLY D 108 14.39 15.39 4.98
N GLU D 109 15.67 15.08 4.81
CA GLU D 109 16.61 15.92 4.09
C GLU D 109 16.25 16.08 2.63
N LEU D 110 15.69 15.04 2.03
CA LEU D 110 15.23 15.09 0.66
C LEU D 110 14.11 16.09 0.52
N ALA D 111 13.23 16.13 1.51
CA ALA D 111 12.13 17.09 1.51
C ALA D 111 12.69 18.49 1.61
N LYS D 112 13.63 18.68 2.52
CA LYS D 112 14.31 19.97 2.66
C LYS D 112 14.96 20.47 1.34
N HIS D 113 15.77 19.63 0.72
CA HIS D 113 16.49 20.03 -0.47
C HIS D 113 15.55 20.18 -1.67
N ALA D 114 14.48 19.41 -1.70
CA ALA D 114 13.52 19.51 -2.79
C ALA D 114 12.71 20.81 -2.66
N VAL D 115 12.29 21.13 -1.45
CA VAL D 115 11.63 22.41 -1.23
C VAL D 115 12.55 23.59 -1.60
N SER D 116 13.85 23.42 -1.33
CA SER D 116 14.79 24.45 -1.74
C SER D 116 14.84 24.61 -3.24
N GLU D 117 15.03 23.50 -3.93
CA GLU D 117 15.17 23.59 -5.37
C GLU D 117 13.90 24.11 -6.03
N GLY D 118 12.75 23.72 -5.50
CA GLY D 118 11.47 24.11 -6.04
C GLY D 118 11.16 25.57 -5.81
N THR D 119 11.33 26.01 -4.56
CA THR D 119 11.08 27.40 -4.21
C THR D 119 11.99 28.31 -5.03
N LYS D 120 13.23 27.88 -5.16
CA LYS D 120 14.19 28.62 -5.94
C LYS D 120 13.76 28.74 -7.40
N ALA D 121 13.37 27.62 -7.99
CA ALA D 121 12.95 27.60 -9.38
C ALA D 121 11.76 28.54 -9.60
N VAL D 122 10.80 28.52 -8.69
CA VAL D 122 9.59 29.31 -8.83
C VAL D 122 9.88 30.79 -8.68
N THR D 123 10.67 31.17 -7.69
CA THR D 123 10.98 32.60 -7.51
C THR D 123 11.76 33.09 -8.73
N LYS D 124 12.70 32.29 -9.21
CA LYS D 124 13.40 32.65 -10.43
C LYS D 124 12.46 32.81 -11.61
N TYR D 125 11.51 31.89 -11.76
CA TYR D 125 10.57 31.92 -12.87
C TYR D 125 9.68 33.16 -12.85
N THR D 126 9.12 33.45 -11.67
CA THR D 126 8.21 34.56 -11.47
C THR D 126 8.78 35.91 -11.90
N SER D 127 9.98 36.24 -11.44
CA SER D 127 10.57 37.53 -11.74
C SER D 127 10.77 37.70 -13.25
N LYS E 41 42.85 -37.79 -2.73
CA LYS E 41 42.56 -37.77 -1.29
C LYS E 41 41.24 -38.49 -0.93
N PRO E 42 40.14 -38.23 -1.67
CA PRO E 42 39.79 -37.22 -2.69
C PRO E 42 39.18 -35.99 -2.01
N HIS E 43 39.23 -34.82 -2.64
CA HIS E 43 38.83 -33.61 -1.93
C HIS E 43 37.35 -33.45 -1.65
N ARG E 44 37.08 -32.86 -0.49
CA ARG E 44 35.70 -32.64 -0.11
C ARG E 44 35.53 -31.45 0.82
N TYR E 45 34.64 -30.54 0.48
CA TYR E 45 34.39 -29.41 1.35
C TYR E 45 33.40 -29.80 2.43
N ARG E 46 33.49 -29.13 3.57
CA ARG E 46 32.63 -29.42 4.68
C ARG E 46 31.27 -28.80 4.41
N PRO E 47 30.21 -29.45 4.87
CA PRO E 47 28.88 -28.91 4.61
C PRO E 47 28.73 -27.47 5.11
N GLY E 48 28.43 -26.55 4.19
CA GLY E 48 28.29 -25.16 4.54
C GLY E 48 29.27 -24.26 3.83
N THR E 49 30.40 -24.79 3.40
CA THR E 49 31.45 -23.96 2.81
C THR E 49 31.08 -23.49 1.41
N VAL E 50 30.60 -24.44 0.62
CA VAL E 50 30.13 -24.10 -0.69
C VAL E 50 28.83 -23.28 -0.57
N ALA E 51 28.04 -23.52 0.47
CA ALA E 51 26.80 -22.78 0.64
C ALA E 51 27.08 -21.28 0.81
N LEU E 52 28.05 -20.97 1.68
CA LEU E 52 28.46 -19.59 1.94
C LEU E 52 29.12 -18.98 0.69
N ARG E 53 29.87 -19.81 -0.02
CA ARG E 53 30.47 -19.37 -1.26
C ARG E 53 29.39 -18.96 -2.28
N GLU E 54 28.33 -19.75 -2.34
CA GLU E 54 27.18 -19.50 -3.21
C GLU E 54 26.42 -18.23 -2.83
N ILE E 55 26.25 -18.01 -1.53
CA ILE E 55 25.65 -16.76 -1.09
C ILE E 55 26.47 -15.57 -1.62
N ARG E 56 27.79 -15.61 -1.44
CA ARG E 56 28.59 -14.47 -1.86
C ARG E 56 28.42 -14.25 -3.36
N ARG E 57 28.45 -15.36 -4.09
CA ARG E 57 28.38 -15.31 -5.54
C ARG E 57 27.02 -14.82 -6.06
N TYR E 58 25.92 -15.25 -5.48
CA TYR E 58 24.64 -14.81 -6.02
C TYR E 58 24.23 -13.43 -5.49
N GLN E 59 24.76 -13.02 -4.35
CA GLN E 59 24.48 -11.67 -3.87
C GLN E 59 25.31 -10.68 -4.63
N LYS E 60 26.31 -11.18 -5.34
CA LYS E 60 27.16 -10.27 -6.10
C LYS E 60 26.63 -10.03 -7.53
N SER E 61 25.75 -10.88 -8.01
CA SER E 61 25.27 -10.79 -9.38
C SER E 61 23.78 -10.43 -9.48
N THR E 62 23.29 -10.17 -10.69
CA THR E 62 21.91 -9.68 -10.82
C THR E 62 21.08 -10.50 -11.78
N GLU E 63 21.66 -11.56 -12.32
CA GLU E 63 20.98 -12.34 -13.31
C GLU E 63 19.81 -13.11 -12.73
N LEU E 64 18.79 -13.33 -13.55
CA LEU E 64 17.62 -14.14 -13.15
C LEU E 64 18.01 -15.57 -12.84
N LEU E 65 17.41 -16.12 -11.81
CA LEU E 65 17.89 -17.38 -11.23
C LEU E 65 17.02 -18.55 -11.59
N ILE E 66 15.84 -18.29 -12.13
CA ILE E 66 14.98 -19.31 -12.70
C ILE E 66 15.24 -19.38 -14.20
N ARG E 67 15.25 -20.59 -14.76
CA ARG E 67 15.43 -20.72 -16.20
C ARG E 67 14.24 -20.13 -16.99
N LYS E 68 14.51 -19.52 -18.12
CA LYS E 68 13.48 -18.76 -18.84
C LYS E 68 12.26 -19.57 -19.27
N LEU E 69 12.51 -20.68 -19.94
CA LEU E 69 11.43 -21.46 -20.52
C LEU E 69 10.44 -22.03 -19.50
N PRO E 70 10.93 -22.71 -18.44
CA PRO E 70 10.00 -23.16 -17.40
C PRO E 70 9.14 -22.04 -16.86
N PHE E 71 9.74 -20.89 -16.62
CA PHE E 71 8.98 -19.79 -16.04
C PHE E 71 7.89 -19.36 -17.02
N GLN E 72 8.24 -19.24 -18.30
CA GLN E 72 7.27 -18.95 -19.34
C GLN E 72 6.09 -19.92 -19.40
N ARG E 73 6.40 -21.20 -19.30
CA ARG E 73 5.36 -22.19 -19.35
C ARG E 73 4.44 -22.04 -18.16
N LEU E 74 4.98 -21.71 -17.01
CA LEU E 74 4.12 -21.53 -15.85
C LEU E 74 3.18 -20.33 -16.04
N VAL E 75 3.75 -19.24 -16.51
CA VAL E 75 2.98 -18.04 -16.76
C VAL E 75 1.84 -18.29 -17.75
N ARG E 76 2.13 -18.99 -18.82
CA ARG E 76 1.12 -19.25 -19.81
C ARG E 76 0.05 -20.21 -19.30
N GLU E 77 0.42 -21.21 -18.49
CA GLU E 77 -0.56 -22.12 -17.88
C GLU E 77 -1.55 -21.39 -16.96
N ILE E 78 -1.03 -20.60 -16.02
CA ILE E 78 -1.88 -19.82 -15.13
C ILE E 78 -2.79 -18.86 -15.89
N ALA E 79 -2.17 -18.08 -16.76
CA ALA E 79 -2.91 -17.12 -17.57
C ALA E 79 -3.99 -17.83 -18.35
N GLN E 80 -3.67 -18.99 -18.91
CA GLN E 80 -4.61 -19.71 -19.74
C GLN E 80 -5.77 -20.18 -18.88
N ASP E 81 -5.52 -20.41 -17.60
CA ASP E 81 -6.64 -20.71 -16.70
C ASP E 81 -7.52 -19.50 -16.42
N PHE E 82 -7.02 -18.29 -16.69
CA PHE E 82 -7.90 -17.12 -16.55
C PHE E 82 -8.61 -16.76 -17.86
N LYS E 83 -7.90 -16.85 -18.97
CA LYS E 83 -8.47 -16.47 -20.24
C LYS E 83 -7.72 -17.26 -21.31
N THR E 84 -8.43 -17.78 -22.31
CA THR E 84 -7.79 -18.65 -23.30
C THR E 84 -7.28 -17.84 -24.47
N ASP E 85 -6.41 -18.43 -25.26
CA ASP E 85 -5.84 -17.79 -26.44
C ASP E 85 -5.18 -16.43 -26.21
N LEU E 86 -4.50 -16.26 -25.09
CA LEU E 86 -3.75 -15.06 -24.81
C LEU E 86 -2.36 -15.22 -25.40
N ARG E 87 -1.76 -14.11 -25.81
CA ARG E 87 -0.39 -14.08 -26.23
C ARG E 87 0.36 -13.20 -25.25
N PHE E 88 1.67 -13.21 -25.29
CA PHE E 88 2.45 -12.38 -24.36
C PHE E 88 3.54 -11.63 -25.10
N GLN E 89 3.70 -10.34 -24.82
CA GLN E 89 4.95 -9.70 -25.22
C GLN E 89 6.05 -10.35 -24.39
N SER E 90 7.26 -10.46 -24.90
CA SER E 90 8.33 -11.11 -24.12
C SER E 90 8.71 -10.23 -22.94
N SER E 91 8.63 -8.93 -23.11
CA SER E 91 8.74 -7.96 -22.01
C SER E 91 7.79 -8.23 -20.86
N ALA E 92 6.61 -8.73 -21.17
CA ALA E 92 5.63 -9.02 -20.14
C ALA E 92 6.13 -10.17 -19.31
N VAL E 93 6.70 -11.15 -19.97
CA VAL E 93 7.17 -12.34 -19.28
C VAL E 93 8.39 -11.99 -18.45
N MET E 94 9.30 -11.22 -19.02
CA MET E 94 10.45 -10.77 -18.26
C MET E 94 10.02 -9.97 -17.06
N ALA E 95 9.02 -9.10 -17.22
CA ALA E 95 8.60 -8.25 -16.09
C ALA E 95 8.01 -9.11 -14.97
N LEU E 96 7.22 -10.13 -15.34
CA LEU E 96 6.71 -11.04 -14.33
C LEU E 96 7.86 -11.77 -13.65
N GLN E 97 8.89 -12.15 -14.41
CA GLN E 97 9.98 -12.92 -13.82
C GLN E 97 10.86 -12.08 -12.89
N GLU E 98 11.11 -10.82 -13.25
CA GLU E 98 11.79 -9.89 -12.34
C GLU E 98 10.99 -9.68 -11.06
N ALA E 99 9.68 -9.50 -11.20
CA ALA E 99 8.83 -9.31 -10.02
C ALA E 99 8.83 -10.54 -9.13
N CYS E 100 8.66 -11.72 -9.72
CA CYS E 100 8.63 -12.98 -8.96
C CYS E 100 9.92 -13.28 -8.24
N GLU E 101 11.03 -13.19 -8.95
CA GLU E 101 12.30 -13.51 -8.33
C GLU E 101 12.64 -12.49 -7.25
N ALA E 102 12.36 -11.21 -7.45
CA ALA E 102 12.60 -10.21 -6.40
C ALA E 102 11.75 -10.48 -5.15
N TYR E 103 10.49 -10.84 -5.38
CA TYR E 103 9.62 -11.23 -4.29
C TYR E 103 10.15 -12.44 -3.51
N LEU E 104 10.58 -13.48 -4.22
CA LEU E 104 11.02 -14.70 -3.58
C LEU E 104 12.33 -14.51 -2.82
N VAL E 105 13.27 -13.74 -3.39
CA VAL E 105 14.48 -13.42 -2.67
C VAL E 105 14.17 -12.66 -1.36
N GLY E 106 13.33 -11.62 -1.45
CA GLY E 106 12.98 -10.86 -0.25
C GLY E 106 12.28 -11.70 0.82
N LEU E 107 11.39 -12.58 0.38
CA LEU E 107 10.73 -13.51 1.28
C LEU E 107 11.74 -14.48 1.90
N PHE E 108 12.77 -14.89 1.15
CA PHE E 108 13.80 -15.75 1.71
C PHE E 108 14.63 -15.01 2.77
N GLU E 109 14.95 -13.74 2.57
CA GLU E 109 15.61 -12.97 3.64
C GLU E 109 14.77 -12.95 4.90
N ASP E 110 13.48 -12.66 4.79
CA ASP E 110 12.62 -12.63 5.98
C ASP E 110 12.52 -14.01 6.67
N THR E 111 12.33 -15.03 5.87
CA THR E 111 12.30 -16.41 6.33
C THR E 111 13.58 -16.76 7.11
N ASN E 112 14.71 -16.38 6.58
CA ASN E 112 15.99 -16.62 7.19
C ASN E 112 16.06 -15.95 8.56
N LEU E 113 15.58 -14.71 8.63
CA LEU E 113 15.47 -14.02 9.92
C LEU E 113 14.61 -14.75 10.95
N CYS E 114 13.55 -15.41 10.48
CA CYS E 114 12.69 -16.19 11.38
C CYS E 114 13.39 -17.47 11.84
N ALA E 115 14.18 -18.08 10.96
CA ALA E 115 14.98 -19.23 11.37
C ALA E 115 16.00 -18.83 12.43
N ILE E 116 16.74 -17.78 12.15
CA ILE E 116 17.73 -17.30 13.06
C ILE E 116 17.05 -16.95 14.39
N HIS E 117 15.80 -16.47 14.32
CA HIS E 117 15.07 -16.15 15.54
C HIS E 117 14.88 -17.36 16.44
N ALA E 118 14.54 -18.50 15.83
CA ALA E 118 14.31 -19.72 16.56
C ALA E 118 15.58 -20.48 16.81
N LYS E 119 16.70 -19.76 16.79
CA LYS E 119 18.01 -20.33 17.07
C LYS E 119 18.42 -21.42 16.09
N ARG E 120 17.84 -21.45 14.90
CA ARG E 120 18.27 -22.37 13.84
C ARG E 120 19.05 -21.66 12.73
N VAL E 121 19.68 -22.42 11.84
CA VAL E 121 20.26 -21.83 10.63
C VAL E 121 19.67 -22.45 9.37
N THR E 122 18.64 -23.28 9.58
CA THR E 122 17.97 -24.00 8.51
C THR E 122 16.57 -23.47 8.34
N ILE E 123 16.23 -22.99 7.15
CA ILE E 123 14.89 -22.47 6.95
C ILE E 123 13.94 -23.61 6.74
N MET E 124 12.74 -23.47 7.26
CA MET E 124 11.72 -24.51 7.21
C MET E 124 10.37 -23.89 6.83
N PRO E 125 9.42 -24.70 6.38
CA PRO E 125 8.12 -24.14 5.99
C PRO E 125 7.48 -23.23 7.06
N LYS E 126 7.60 -23.62 8.32
CA LYS E 126 7.09 -22.80 9.41
C LYS E 126 7.69 -21.37 9.40
N ASP E 127 8.93 -21.23 8.94
CA ASP E 127 9.56 -19.91 8.84
C ASP E 127 8.93 -19.06 7.73
N ILE E 128 8.77 -19.65 6.55
CA ILE E 128 8.10 -18.97 5.47
C ILE E 128 6.71 -18.53 5.89
N GLN E 129 6.01 -19.38 6.64
CA GLN E 129 4.66 -19.07 7.02
C GLN E 129 4.61 -17.93 8.04
N LEU E 130 5.52 -17.93 9.01
CA LEU E 130 5.58 -16.82 9.96
C LEU E 130 5.87 -15.50 9.24
N ALA E 131 6.85 -15.52 8.33
CA ALA E 131 7.16 -14.36 7.51
C ALA E 131 5.93 -13.87 6.72
N ARG E 132 5.22 -14.76 6.03
CA ARG E 132 4.05 -14.34 5.27
C ARG E 132 2.92 -13.85 6.17
N ARG E 133 2.77 -14.44 7.35
CA ARG E 133 1.73 -14.02 8.25
C ARG E 133 1.95 -12.62 8.81
N ILE E 134 3.18 -12.30 9.18
CA ILE E 134 3.50 -10.97 9.67
C ILE E 134 3.40 -9.92 8.55
N ARG E 135 3.83 -10.30 7.35
CA ARG E 135 3.67 -9.47 6.17
C ARG E 135 2.22 -9.17 5.78
N GLY E 136 1.27 -9.86 6.42
CA GLY E 136 -0.11 -9.70 6.07
C GLY E 136 -0.42 -10.20 4.69
N GLU E 137 0.22 -11.29 4.28
CA GLU E 137 -0.05 -11.93 2.99
C GLU E 137 -1.05 -13.05 3.19
N ARG E 138 -0.99 -13.60 4.39
CA ARG E 138 -1.88 -14.63 4.86
C ARG E 138 -2.25 -14.09 6.22
N ALA E 139 -3.25 -14.68 6.87
CA ALA E 139 -3.58 -14.19 8.21
C ALA E 139 -4.30 -15.25 9.01
N ARG F 21 -4.01 -24.36 -35.69
CA ARG F 21 -3.55 -25.30 -34.68
C ARG F 21 -3.56 -24.70 -33.29
N HIS F 22 -2.98 -25.45 -32.36
CA HIS F 22 -2.83 -24.98 -30.99
C HIS F 22 -1.67 -25.75 -30.36
N ARG F 23 -1.09 -25.21 -29.31
CA ARG F 23 0.05 -25.89 -28.72
C ARG F 23 -0.43 -27.02 -27.84
N LYS F 24 0.52 -27.82 -27.40
CA LYS F 24 0.20 -28.92 -26.57
C LYS F 24 -0.15 -28.43 -25.17
N VAL F 25 -1.08 -29.13 -24.55
CA VAL F 25 -1.61 -28.85 -23.23
C VAL F 25 -0.57 -28.65 -22.16
N LEU F 26 -0.61 -27.48 -21.54
CA LEU F 26 0.31 -27.16 -20.46
C LEU F 26 -0.22 -27.68 -19.14
N ARG F 27 0.52 -28.58 -18.51
CA ARG F 27 0.14 -29.12 -17.22
C ARG F 27 1.32 -29.14 -16.27
N ASP F 28 1.04 -28.94 -15.00
CA ASP F 28 2.01 -29.16 -13.93
C ASP F 28 3.29 -28.34 -14.05
N ASN F 29 3.23 -27.17 -14.66
CA ASN F 29 4.45 -26.43 -14.98
C ASN F 29 5.16 -25.84 -13.79
N ILE F 30 4.46 -25.77 -12.66
CA ILE F 30 5.05 -25.27 -11.44
C ILE F 30 6.25 -26.12 -11.06
N GLN F 31 6.25 -27.37 -11.52
CA GLN F 31 7.35 -28.31 -11.28
C GLN F 31 8.59 -28.06 -12.10
N GLY F 32 8.48 -27.20 -13.10
CA GLY F 32 9.63 -26.79 -13.89
C GLY F 32 10.49 -25.81 -13.12
N ILE F 33 9.99 -25.35 -11.98
CA ILE F 33 10.76 -24.49 -11.09
C ILE F 33 11.58 -25.41 -10.18
N THR F 34 12.81 -25.68 -10.57
CA THR F 34 13.58 -26.77 -10.02
C THR F 34 14.16 -26.49 -8.66
N LYS F 35 14.55 -27.55 -7.97
CA LYS F 35 15.22 -27.42 -6.69
C LYS F 35 16.49 -26.53 -6.78
N PRO F 36 17.39 -26.75 -7.76
CA PRO F 36 18.52 -25.78 -7.84
C PRO F 36 18.13 -24.29 -8.04
N ALA F 37 17.12 -23.98 -8.85
CA ALA F 37 16.70 -22.58 -8.96
C ALA F 37 16.23 -22.00 -7.61
N ILE F 38 15.36 -22.71 -6.90
CA ILE F 38 14.88 -22.27 -5.61
C ILE F 38 16.04 -22.09 -4.63
N ARG F 39 17.01 -22.97 -4.76
CA ARG F 39 18.21 -22.90 -3.95
C ARG F 39 19.03 -21.64 -4.25
N ARG F 40 19.19 -21.28 -5.52
CA ARG F 40 19.88 -20.04 -5.86
C ARG F 40 19.12 -18.81 -5.35
N LEU F 41 17.80 -18.83 -5.46
CA LEU F 41 17.02 -17.71 -4.97
C LEU F 41 17.25 -17.54 -3.47
N ALA F 42 17.23 -18.66 -2.77
CA ALA F 42 17.48 -18.63 -1.34
C ALA F 42 18.92 -18.16 -1.05
N ARG F 43 19.86 -18.44 -1.94
CA ARG F 43 21.25 -18.04 -1.71
C ARG F 43 21.40 -16.56 -1.86
N ARG F 44 20.74 -15.98 -2.86
CA ARG F 44 20.75 -14.53 -2.98
C ARG F 44 20.11 -13.93 -1.75
N GLY F 45 19.11 -14.62 -1.20
CA GLY F 45 18.46 -14.22 0.03
C GLY F 45 19.27 -14.40 1.30
N GLY F 46 20.51 -14.88 1.18
CA GLY F 46 21.37 -15.09 2.31
C GLY F 46 21.15 -16.36 3.11
N VAL F 47 20.47 -17.34 2.52
CA VAL F 47 20.14 -18.59 3.21
C VAL F 47 21.23 -19.67 3.06
N LYS F 48 21.65 -20.21 4.20
CA LYS F 48 22.77 -21.14 4.22
C LYS F 48 22.36 -22.58 4.18
N ARG F 49 21.33 -22.92 4.94
CA ARG F 49 20.84 -24.28 5.00
C ARG F 49 19.33 -24.30 4.72
N ILE F 50 18.87 -25.32 4.00
CA ILE F 50 17.51 -25.37 3.48
C ILE F 50 16.88 -26.71 3.72
N SER F 51 15.82 -26.74 4.52
CA SER F 51 15.02 -27.94 4.70
C SER F 51 14.42 -28.49 3.42
N GLY F 52 14.27 -29.80 3.34
CA GLY F 52 13.79 -30.42 2.13
C GLY F 52 12.34 -30.10 1.83
N LEU F 53 11.58 -29.69 2.84
CA LEU F 53 10.18 -29.37 2.61
C LEU F 53 10.01 -27.95 2.05
N ILE F 54 11.10 -27.18 1.95
CA ILE F 54 11.04 -25.79 1.44
C ILE F 54 10.60 -25.69 -0.01
N TYR F 55 11.11 -26.58 -0.85
CA TYR F 55 10.90 -26.50 -2.28
C TYR F 55 9.44 -26.55 -2.65
N GLU F 56 8.64 -27.38 -1.97
CA GLU F 56 7.21 -27.38 -2.24
C GLU F 56 6.53 -26.11 -1.69
N GLU F 57 6.89 -25.66 -0.50
CA GLU F 57 6.29 -24.43 0.02
C GLU F 57 6.55 -23.31 -0.94
N THR F 58 7.79 -23.16 -1.37
CA THR F 58 8.16 -22.08 -2.25
C THR F 58 7.34 -22.18 -3.52
N ARG F 59 7.16 -23.39 -4.04
CA ARG F 59 6.41 -23.49 -5.28
C ARG F 59 5.02 -22.98 -5.03
N GLY F 60 4.44 -23.41 -3.91
CA GLY F 60 3.09 -23.01 -3.56
C GLY F 60 3.00 -21.52 -3.51
N VAL F 61 3.95 -20.90 -2.82
CA VAL F 61 3.90 -19.48 -2.56
C VAL F 61 4.05 -18.74 -3.89
N LEU F 62 4.94 -19.25 -4.72
CA LEU F 62 5.17 -18.66 -6.01
C LEU F 62 3.91 -18.65 -6.84
N LYS F 63 3.20 -19.76 -6.83
CA LYS F 63 2.03 -19.87 -7.65
C LYS F 63 0.98 -18.86 -7.15
N VAL F 64 0.84 -18.70 -5.83
CA VAL F 64 -0.13 -17.74 -5.32
C VAL F 64 0.24 -16.37 -5.87
N PHE F 65 1.53 -16.04 -5.75
CA PHE F 65 2.01 -14.74 -6.19
C PHE F 65 1.67 -14.53 -7.66
N LEU F 66 1.93 -15.53 -8.48
CA LEU F 66 1.68 -15.38 -9.90
C LEU F 66 0.20 -15.30 -10.22
N GLU F 67 -0.58 -16.13 -9.55
CA GLU F 67 -2.00 -16.13 -9.79
C GLU F 67 -2.46 -14.74 -9.50
N ASN F 68 -1.92 -14.13 -8.46
CA ASN F 68 -2.45 -12.85 -8.08
C ASN F 68 -2.06 -11.78 -9.08
N VAL F 69 -0.82 -11.80 -9.57
CA VAL F 69 -0.42 -10.76 -10.51
C VAL F 69 -1.06 -10.96 -11.89
N ILE F 70 -1.02 -12.19 -12.37
CA ILE F 70 -1.46 -12.48 -13.71
C ILE F 70 -2.95 -12.19 -13.86
N ARG F 71 -3.72 -12.47 -12.81
CA ARG F 71 -5.14 -12.20 -12.80
C ARG F 71 -5.39 -10.70 -13.10
N ASP F 72 -4.66 -9.85 -12.40
CA ASP F 72 -4.89 -8.45 -12.66
C ASP F 72 -4.38 -8.05 -14.05
N ALA F 73 -3.22 -8.54 -14.43
CA ALA F 73 -2.72 -8.21 -15.75
C ALA F 73 -3.75 -8.61 -16.80
N VAL F 74 -4.41 -9.74 -16.60
CA VAL F 74 -5.28 -10.20 -17.68
C VAL F 74 -6.54 -9.36 -17.68
N THR F 75 -7.03 -8.99 -16.51
CA THR F 75 -8.14 -8.06 -16.42
C THR F 75 -7.80 -6.79 -17.23
N TYR F 76 -6.59 -6.24 -17.07
CA TYR F 76 -6.24 -5.05 -17.86
C TYR F 76 -6.25 -5.37 -19.35
N THR F 77 -5.73 -6.54 -19.70
CA THR F 77 -5.70 -6.93 -21.10
C THR F 77 -7.13 -7.00 -21.63
N GLU F 78 -8.02 -7.62 -20.86
CA GLU F 78 -9.36 -7.80 -21.35
C GLU F 78 -10.03 -6.46 -21.48
N HIS F 79 -9.65 -5.55 -20.59
CA HIS F 79 -10.35 -4.29 -20.61
C HIS F 79 -10.00 -3.53 -21.88
N ALA F 80 -8.74 -3.65 -22.30
CA ALA F 80 -8.23 -2.99 -23.48
C ALA F 80 -8.66 -3.68 -24.75
N LYS F 81 -9.51 -4.68 -24.61
CA LYS F 81 -10.00 -5.47 -25.71
C LYS F 81 -8.85 -6.05 -26.55
N ARG F 82 -7.74 -6.39 -25.92
CA ARG F 82 -6.62 -7.02 -26.63
C ARG F 82 -6.59 -8.53 -26.40
N LYS F 83 -5.79 -9.22 -27.20
CA LYS F 83 -5.51 -10.64 -27.00
C LYS F 83 -4.11 -10.87 -26.51
N THR F 84 -3.31 -9.82 -26.48
CA THR F 84 -1.92 -9.92 -26.04
C THR F 84 -1.71 -9.24 -24.69
N VAL F 85 -1.19 -9.97 -23.72
CA VAL F 85 -0.78 -9.35 -22.46
C VAL F 85 0.49 -8.53 -22.68
N THR F 86 0.44 -7.23 -22.42
CA THR F 86 1.58 -6.36 -22.62
C THR F 86 2.38 -6.11 -21.34
N ALA F 87 3.60 -5.58 -21.49
CA ALA F 87 4.42 -5.33 -20.32
C ALA F 87 3.68 -4.33 -19.42
N MET F 88 3.02 -3.32 -19.98
CA MET F 88 2.26 -2.37 -19.16
C MET F 88 1.14 -3.01 -18.32
N ASP F 89 0.41 -3.99 -18.88
CA ASP F 89 -0.57 -4.71 -18.10
C ASP F 89 0.08 -5.31 -16.85
N VAL F 90 1.23 -5.93 -17.03
CA VAL F 90 1.94 -6.51 -15.90
C VAL F 90 2.40 -5.44 -14.90
N VAL F 91 2.98 -4.36 -15.40
CA VAL F 91 3.41 -3.26 -14.54
C VAL F 91 2.26 -2.61 -13.74
N TYR F 92 1.09 -2.46 -14.35
CA TYR F 92 -0.07 -1.91 -13.64
C TYR F 92 -0.54 -2.90 -12.62
N ALA F 93 -0.51 -4.18 -12.98
CA ALA F 93 -0.92 -5.19 -12.01
C ALA F 93 -0.01 -5.17 -10.82
N LEU F 94 1.30 -5.10 -11.06
CA LEU F 94 2.28 -5.06 -9.98
C LEU F 94 2.10 -3.84 -9.12
N LYS F 95 1.89 -2.69 -9.76
CA LYS F 95 1.73 -1.45 -9.03
C LYS F 95 0.53 -1.49 -8.12
N ARG F 96 -0.60 -2.04 -8.57
CA ARG F 96 -1.71 -2.16 -7.64
C ARG F 96 -1.52 -3.22 -6.53
N GLN F 97 -0.76 -4.28 -6.78
CA GLN F 97 -0.48 -5.30 -5.74
C GLN F 97 0.58 -4.77 -4.74
N GLY F 98 0.94 -3.49 -4.85
CA GLY F 98 1.97 -2.88 -4.03
C GLY F 98 3.35 -3.45 -4.32
N ARG F 99 3.62 -3.83 -5.56
CA ARG F 99 4.91 -4.38 -5.92
C ARG F 99 5.50 -3.64 -7.09
N THR F 100 5.51 -2.31 -7.01
CA THR F 100 5.94 -1.49 -8.14
C THR F 100 7.28 -1.94 -8.75
N LEU F 101 7.30 -2.04 -10.07
CA LEU F 101 8.45 -2.54 -10.81
C LEU F 101 8.96 -1.48 -11.75
N TYR F 102 10.23 -1.14 -11.61
CA TYR F 102 10.87 -0.18 -12.47
C TYR F 102 11.60 -0.87 -13.60
N GLY F 103 11.53 -0.27 -14.79
CA GLY F 103 12.33 -0.71 -15.91
C GLY F 103 11.57 -1.30 -17.07
N PHE F 104 10.24 -1.28 -17.05
CA PHE F 104 9.50 -1.89 -18.14
C PHE F 104 8.42 -1.00 -18.75
N GLY F 105 8.55 0.30 -18.62
CA GLY F 105 7.58 1.15 -19.26
C GLY F 105 6.81 1.87 -18.18
N GLY F 106 6.05 2.88 -18.60
CA GLY F 106 5.34 3.74 -17.68
C GLY F 106 6.29 4.42 -16.72
N ALA G 14 -45.43 20.90 -20.53
CA ALA G 14 -45.40 20.56 -19.11
C ALA G 14 -44.73 19.21 -18.84
N ARG G 15 -43.75 19.27 -17.94
CA ARG G 15 -42.93 18.14 -17.53
C ARG G 15 -43.70 17.03 -16.82
N ALA G 16 -43.23 15.80 -16.99
CA ALA G 16 -43.79 14.63 -16.28
C ALA G 16 -43.36 14.60 -14.80
N LYS G 17 -43.98 13.71 -14.02
CA LYS G 17 -43.62 13.52 -12.60
C LYS G 17 -42.19 12.98 -12.45
N ALA G 18 -41.36 13.70 -11.69
CA ALA G 18 -39.93 13.34 -11.55
C ALA G 18 -39.73 11.98 -10.89
N LYS G 19 -38.96 11.12 -11.56
CA LYS G 19 -38.61 9.81 -11.01
C LYS G 19 -37.09 9.79 -10.74
N THR G 20 -36.66 9.56 -9.51
CA THR G 20 -35.23 9.49 -9.24
C THR G 20 -34.57 8.38 -10.06
N ARG G 21 -33.29 8.56 -10.36
CA ARG G 21 -32.56 7.53 -11.07
C ARG G 21 -32.44 6.29 -10.22
N SER G 22 -32.25 6.49 -8.92
CA SER G 22 -32.17 5.38 -7.99
C SER G 22 -33.40 4.49 -8.09
N SER G 23 -34.58 5.09 -8.19
CA SER G 23 -35.82 4.33 -8.29
C SER G 23 -35.91 3.61 -9.64
N ARG G 24 -35.48 4.28 -10.70
CA ARG G 24 -35.38 3.63 -12.02
C ARG G 24 -34.45 2.42 -12.01
N ALA G 25 -33.44 2.44 -11.14
CA ALA G 25 -32.42 1.39 -11.06
C ALA G 25 -32.75 0.32 -10.05
N GLY G 26 -33.80 0.57 -9.27
CA GLY G 26 -34.20 -0.35 -8.24
C GLY G 26 -33.26 -0.30 -7.06
N LEU G 27 -32.75 0.89 -6.74
CA LEU G 27 -31.77 1.04 -5.69
C LEU G 27 -32.19 1.93 -4.53
N GLN G 28 -31.59 1.68 -3.37
CA GLN G 28 -31.75 2.57 -2.22
C GLN G 28 -30.67 3.66 -2.15
N PHE G 29 -29.52 3.41 -2.73
CA PHE G 29 -28.41 4.35 -2.69
C PHE G 29 -28.62 5.41 -3.75
N PRO G 30 -28.06 6.61 -3.54
CA PRO G 30 -28.37 7.75 -4.41
C PRO G 30 -27.58 7.84 -5.72
N VAL G 31 -28.19 7.49 -6.83
CA VAL G 31 -27.51 7.54 -8.11
C VAL G 31 -27.13 8.97 -8.48
N GLY G 32 -28.00 9.92 -8.18
CA GLY G 32 -27.75 11.29 -8.55
C GLY G 32 -26.55 11.89 -7.83
N ARG G 33 -26.50 11.66 -6.52
CA ARG G 33 -25.37 12.07 -5.70
C ARG G 33 -24.07 11.46 -6.17
N VAL G 34 -24.10 10.15 -6.45
CA VAL G 34 -22.90 9.42 -6.83
C VAL G 34 -22.37 9.95 -8.13
N HIS G 35 -23.27 10.28 -9.04
CA HIS G 35 -22.90 10.92 -10.30
C HIS G 35 -22.27 12.27 -10.07
N ARG G 36 -22.89 13.10 -9.24
CA ARG G 36 -22.29 14.39 -8.89
C ARG G 36 -20.85 14.19 -8.35
N LEU G 37 -20.70 13.27 -7.40
CA LEU G 37 -19.42 13.03 -6.77
C LEU G 37 -18.37 12.52 -7.76
N LEU G 38 -18.80 11.67 -8.68
CA LEU G 38 -17.94 11.23 -9.76
C LEU G 38 -17.50 12.40 -10.60
N ARG G 39 -18.41 13.33 -10.90
CA ARG G 39 -18.07 14.44 -11.81
C ARG G 39 -17.13 15.41 -11.11
N LYS G 40 -17.30 15.59 -9.82
CA LYS G 40 -16.54 16.61 -9.11
C LYS G 40 -15.29 16.11 -8.39
N GLY G 41 -14.97 14.84 -8.55
CA GLY G 41 -13.78 14.27 -7.91
C GLY G 41 -12.58 14.22 -8.83
N ASN G 42 -12.74 14.75 -10.04
CA ASN G 42 -11.68 14.76 -11.03
C ASN G 42 -11.20 13.37 -11.41
N TYR G 43 -12.11 12.45 -11.67
CA TYR G 43 -11.67 11.12 -12.03
C TYR G 43 -11.52 11.02 -13.54
N SER G 44 -12.30 11.81 -14.24
CA SER G 44 -12.22 11.90 -15.68
C SER G 44 -13.01 13.07 -16.22
N GLU G 45 -12.81 13.38 -17.49
CA GLU G 45 -13.51 14.47 -18.13
C GLU G 45 -15.01 14.20 -18.16
N ARG G 46 -15.38 12.97 -18.45
CA ARG G 46 -16.78 12.64 -18.64
C ARG G 46 -17.17 11.48 -17.80
N VAL G 47 -18.44 11.46 -17.40
CA VAL G 47 -18.98 10.30 -16.71
C VAL G 47 -20.20 9.75 -17.45
N GLY G 48 -20.14 8.50 -17.87
CA GLY G 48 -21.23 7.86 -18.56
C GLY G 48 -22.45 7.70 -17.67
N ALA G 49 -23.63 7.59 -18.28
CA ALA G 49 -24.89 7.51 -17.55
C ALA G 49 -25.04 6.23 -16.72
N GLY G 50 -24.44 5.13 -17.16
CA GLY G 50 -24.56 3.88 -16.44
C GLY G 50 -23.57 3.73 -15.30
N ALA G 51 -22.47 4.48 -15.36
CA ALA G 51 -21.43 4.38 -14.33
C ALA G 51 -21.92 4.66 -12.89
N PRO G 52 -22.70 5.74 -12.66
CA PRO G 52 -23.09 5.95 -11.27
C PRO G 52 -24.12 4.96 -10.81
N VAL G 53 -24.83 4.37 -11.76
CA VAL G 53 -25.86 3.40 -11.45
C VAL G 53 -25.12 2.14 -10.97
N TYR G 54 -24.14 1.70 -11.76
CA TYR G 54 -23.32 0.55 -11.42
C TYR G 54 -22.59 0.72 -10.08
N LEU G 55 -21.95 1.87 -9.89
CA LEU G 55 -21.22 2.12 -8.63
C LEU G 55 -22.15 2.21 -7.41
N ALA G 56 -23.29 2.90 -7.56
CA ALA G 56 -24.25 3.00 -6.44
C ALA G 56 -24.76 1.61 -6.07
N ALA G 57 -25.03 0.80 -7.09
CA ALA G 57 -25.51 -0.56 -6.82
C ALA G 57 -24.45 -1.36 -6.06
N VAL G 58 -23.20 -1.29 -6.50
CA VAL G 58 -22.12 -2.03 -5.82
C VAL G 58 -21.93 -1.57 -4.37
N LEU G 59 -22.00 -0.26 -4.14
CA LEU G 59 -21.91 0.28 -2.77
C LEU G 59 -23.04 -0.22 -1.91
N GLU G 60 -24.26 -0.20 -2.46
CA GLU G 60 -25.41 -0.72 -1.74
C GLU G 60 -25.25 -2.19 -1.40
N TYR G 61 -24.70 -2.97 -2.33
CA TYR G 61 -24.52 -4.39 -2.10
C TYR G 61 -23.60 -4.59 -0.93
N LEU G 62 -22.45 -3.91 -0.94
CA LEU G 62 -21.48 -4.16 0.12
C LEU G 62 -22.01 -3.69 1.47
N THR G 63 -22.67 -2.53 1.48
CA THR G 63 -23.32 -2.07 2.71
C THR G 63 -24.32 -3.09 3.26
N ALA G 64 -25.05 -3.73 2.36
CA ALA G 64 -26.02 -4.73 2.76
C ALA G 64 -25.36 -5.94 3.37
N GLU G 65 -24.27 -6.39 2.75
CA GLU G 65 -23.55 -7.56 3.23
C GLU G 65 -23.03 -7.33 4.65
N ILE G 66 -22.41 -6.17 4.83
CA ILE G 66 -21.89 -5.83 6.14
C ILE G 66 -23.02 -5.68 7.18
N LEU G 67 -24.17 -5.14 6.79
CA LEU G 67 -25.28 -4.96 7.74
C LEU G 67 -25.96 -6.29 8.07
N GLU G 68 -26.02 -7.19 7.11
CA GLU G 68 -26.50 -8.55 7.31
C GLU G 68 -25.70 -9.22 8.44
N LEU G 69 -24.39 -9.31 8.23
CA LEU G 69 -23.56 -9.99 9.21
C LEU G 69 -23.52 -9.27 10.56
N ALA G 70 -23.50 -7.95 10.51
CA ALA G 70 -23.41 -7.18 11.74
C ALA G 70 -24.70 -7.20 12.55
N GLY G 71 -25.85 -7.25 11.90
CA GLY G 71 -27.10 -7.43 12.59
C GLY G 71 -27.13 -8.79 13.26
N ASN G 72 -26.67 -9.82 12.56
CA ASN G 72 -26.57 -11.14 13.20
C ASN G 72 -25.75 -11.05 14.47
N ALA G 73 -24.62 -10.37 14.35
CA ALA G 73 -23.74 -10.21 15.49
C ALA G 73 -24.41 -9.44 16.62
N ALA G 74 -25.13 -8.38 16.30
CA ALA G 74 -25.75 -7.54 17.33
C ALA G 74 -26.86 -8.26 18.07
N ARG G 75 -27.64 -9.10 17.40
CA ARG G 75 -28.70 -9.73 18.17
C ARG G 75 -28.29 -11.09 18.75
N ASP G 76 -27.24 -11.70 18.21
CA ASP G 76 -26.73 -12.90 18.86
C ASP G 76 -26.17 -12.56 20.23
N ASN G 77 -25.81 -11.30 20.44
CA ASN G 77 -25.30 -10.91 21.74
C ASN G 77 -26.43 -10.09 22.37
N LYS G 78 -27.61 -10.23 21.79
CA LYS G 78 -28.83 -9.61 22.29
C LYS G 78 -28.85 -8.09 22.40
N LYS G 79 -28.57 -7.41 21.29
CA LYS G 79 -28.82 -5.96 21.17
C LYS G 79 -29.69 -5.74 19.93
N THR G 80 -30.48 -4.67 19.95
CA THR G 80 -31.24 -4.33 18.75
C THR G 80 -30.53 -3.21 17.98
N ARG G 81 -29.48 -2.65 18.56
CA ARG G 81 -28.73 -1.60 17.86
C ARG G 81 -27.33 -2.08 17.55
N ILE G 82 -26.95 -1.99 16.27
CA ILE G 82 -25.59 -2.30 15.86
C ILE G 82 -24.64 -1.23 16.39
N ILE G 83 -23.56 -1.67 17.04
CA ILE G 83 -22.54 -0.76 17.52
C ILE G 83 -21.26 -1.12 16.79
N PRO G 84 -20.21 -0.28 16.89
CA PRO G 84 -19.01 -0.62 16.11
C PRO G 84 -18.45 -2.00 16.40
N ARG G 85 -18.54 -2.45 17.65
CA ARG G 85 -18.05 -3.78 17.99
C ARG G 85 -18.62 -4.86 17.06
N HIS G 86 -19.88 -4.70 16.68
CA HIS G 86 -20.54 -5.72 15.89
C HIS G 86 -20.05 -5.68 14.45
N LEU G 87 -19.76 -4.47 13.98
CA LEU G 87 -19.16 -4.28 12.66
C LEU G 87 -17.81 -4.97 12.64
N GLN G 88 -16.98 -4.75 13.65
CA GLN G 88 -15.69 -5.43 13.71
C GLN G 88 -15.85 -6.93 13.74
N LEU G 89 -16.68 -7.44 14.63
CA LEU G 89 -16.90 -8.90 14.67
C LEU G 89 -17.30 -9.44 13.31
N ALA G 90 -18.20 -8.75 12.63
CA ALA G 90 -18.68 -9.21 11.35
C ALA G 90 -17.63 -9.12 10.25
N ILE G 91 -16.89 -8.02 10.16
CA ILE G 91 -15.86 -7.88 9.13
C ILE G 91 -14.78 -8.93 9.31
N ARG G 92 -14.25 -9.02 10.53
CA ARG G 92 -13.11 -9.88 10.79
C ARG G 92 -13.45 -11.37 10.73
N ASN G 93 -14.70 -11.72 10.97
CA ASN G 93 -15.10 -13.13 10.89
C ASN G 93 -15.49 -13.57 9.49
N ASP G 94 -15.39 -12.64 8.55
CA ASP G 94 -15.75 -12.89 7.15
C ASP G 94 -14.50 -12.71 6.33
N GLU G 95 -13.98 -13.81 5.79
CA GLU G 95 -12.68 -13.78 5.11
C GLU G 95 -12.55 -12.74 4.01
N GLU G 96 -13.60 -12.58 3.20
CA GLU G 96 -13.53 -11.67 2.07
C GLU G 96 -13.67 -10.21 2.51
N LEU G 97 -14.54 -9.94 3.48
CA LEU G 97 -14.62 -8.60 4.02
C LEU G 97 -13.32 -8.25 4.71
N ASN G 98 -12.77 -9.22 5.45
CA ASN G 98 -11.51 -9.01 6.18
C ASN G 98 -10.40 -8.66 5.23
N LYS G 99 -10.43 -9.30 4.06
CA LYS G 99 -9.45 -9.07 3.02
C LYS G 99 -9.64 -7.67 2.46
N LEU G 100 -10.88 -7.30 2.17
CA LEU G 100 -11.16 -6.00 1.60
C LEU G 100 -10.81 -4.86 2.56
N LEU G 101 -11.00 -5.09 3.85
CA LEU G 101 -10.71 -4.07 4.86
C LEU G 101 -9.49 -4.43 5.71
N GLY G 102 -8.53 -5.10 5.10
CA GLY G 102 -7.39 -5.56 5.83
C GLY G 102 -6.47 -4.46 6.31
N ARG G 103 -6.56 -3.28 5.72
CA ARG G 103 -5.65 -2.25 6.12
C ARG G 103 -6.45 -1.11 6.72
N VAL G 104 -7.55 -1.48 7.37
CA VAL G 104 -8.48 -0.52 7.94
C VAL G 104 -8.73 -0.84 9.40
N THR G 105 -8.76 0.20 10.22
CA THR G 105 -9.07 0.08 11.63
C THR G 105 -10.48 0.64 11.90
N ILE G 106 -11.33 -0.17 12.51
CA ILE G 106 -12.62 0.28 12.99
C ILE G 106 -12.49 0.81 14.41
N ALA G 107 -12.79 2.09 14.60
CA ALA G 107 -12.68 2.72 15.91
C ALA G 107 -13.66 2.08 16.89
N GLN G 108 -13.21 1.88 18.12
CA GLN G 108 -14.01 1.23 19.16
C GLN G 108 -14.50 -0.14 18.70
N GLY G 109 -13.70 -0.87 17.94
CA GLY G 109 -14.10 -2.18 17.44
C GLY G 109 -13.50 -3.32 18.21
N GLY G 110 -12.36 -3.11 18.84
CA GLY G 110 -11.69 -4.17 19.56
C GLY G 110 -11.14 -5.26 18.64
N VAL G 111 -10.87 -6.43 19.19
CA VAL G 111 -10.35 -7.53 18.42
C VAL G 111 -11.19 -8.80 18.57
N LEU G 112 -10.91 -9.78 17.73
CA LEU G 112 -11.56 -11.06 17.88
C LEU G 112 -10.94 -11.77 19.05
N PRO G 113 -11.78 -12.42 19.85
CA PRO G 113 -11.34 -13.29 20.92
C PRO G 113 -10.38 -14.35 20.40
N ASN G 114 -9.14 -14.34 20.90
CA ASN G 114 -8.13 -15.27 20.40
C ASN G 114 -6.91 -15.47 21.32
N ILE G 115 -6.78 -16.68 21.84
CA ILE G 115 -5.64 -17.05 22.65
C ILE G 115 -4.89 -18.21 21.99
N GLN G 116 -3.63 -17.97 21.66
CA GLN G 116 -2.80 -19.02 21.09
C GLN G 116 -2.86 -20.27 21.98
N ALA G 117 -3.14 -21.42 21.36
CA ALA G 117 -3.36 -22.68 22.07
C ALA G 117 -2.24 -22.97 23.06
N VAL G 118 -1.00 -22.82 22.64
CA VAL G 118 0.13 -23.08 23.52
C VAL G 118 0.10 -22.25 24.79
N LEU G 119 -0.73 -21.22 24.85
CA LEU G 119 -0.72 -20.34 26.02
C LEU G 119 -1.67 -20.85 27.07
N LEU G 120 -2.47 -21.84 26.70
CA LEU G 120 -3.41 -22.45 27.62
C LEU G 120 -2.75 -23.46 28.57
N PRO G 121 -3.32 -23.61 29.77
CA PRO G 121 -2.85 -24.61 30.75
C PRO G 121 -3.09 -26.03 30.26
N LYS G 122 -2.38 -27.00 30.84
CA LYS G 122 -2.56 -28.42 30.51
C LYS G 122 -2.02 -28.80 29.14
N ARG H 33 -25.73 33.76 11.24
CA ARG H 33 -25.05 32.71 10.49
C ARG H 33 -25.39 31.27 10.84
N LYS H 34 -25.09 30.38 9.89
CA LYS H 34 -25.54 29.00 9.89
C LYS H 34 -24.31 28.13 9.70
N ARG H 35 -24.21 27.02 10.43
CA ARG H 35 -23.22 26.02 10.07
C ARG H 35 -23.48 25.44 8.70
N SER H 36 -22.52 24.68 8.21
CA SER H 36 -22.56 24.16 6.86
C SER H 36 -23.65 23.14 6.74
N ARG H 37 -23.80 22.65 5.52
CA ARG H 37 -24.84 21.69 5.24
C ARG H 37 -23.97 20.51 4.93
N LYS H 38 -24.18 19.44 5.66
CA LYS H 38 -23.35 18.26 5.48
C LYS H 38 -24.12 17.13 4.85
N GLU H 39 -23.54 16.52 3.84
CA GLU H 39 -24.15 15.36 3.24
C GLU H 39 -23.52 14.12 3.85
N SER H 40 -24.27 13.04 3.88
CA SER H 40 -23.70 11.78 4.32
C SER H 40 -24.60 10.71 3.76
N TYR H 41 -24.19 9.45 3.93
CA TYR H 41 -24.95 8.38 3.36
C TYR H 41 -25.93 7.80 4.36
N SER H 42 -26.03 8.42 5.55
CA SER H 42 -26.78 7.84 6.67
C SER H 42 -28.17 7.33 6.33
N ILE H 43 -28.94 8.15 5.62
CA ILE H 43 -30.33 7.83 5.30
C ILE H 43 -30.43 6.57 4.44
N TYR H 44 -29.47 6.39 3.55
CA TYR H 44 -29.47 5.30 2.59
C TYR H 44 -29.00 4.02 3.23
N VAL H 45 -27.95 4.13 4.06
CA VAL H 45 -27.49 3.04 4.88
C VAL H 45 -28.64 2.55 5.77
N TYR H 46 -29.42 3.51 6.29
CA TYR H 46 -30.55 3.20 7.13
C TYR H 46 -31.61 2.43 6.36
N LYS H 47 -31.91 2.92 5.16
CA LYS H 47 -32.86 2.20 4.30
C LYS H 47 -32.42 0.76 4.06
N VAL H 48 -31.13 0.58 3.76
CA VAL H 48 -30.60 -0.76 3.52
C VAL H 48 -30.68 -1.63 4.77
N LEU H 49 -30.37 -1.04 5.92
CA LEU H 49 -30.46 -1.72 7.19
C LEU H 49 -31.86 -2.19 7.43
N LYS H 50 -32.84 -1.36 7.09
CA LYS H 50 -34.23 -1.78 7.27
C LYS H 50 -34.62 -2.90 6.31
N GLN H 51 -34.12 -2.89 5.06
CA GLN H 51 -34.42 -3.98 4.13
C GLN H 51 -33.94 -5.32 4.65
N VAL H 52 -32.71 -5.31 5.16
CA VAL H 52 -32.04 -6.53 5.54
C VAL H 52 -32.37 -7.07 6.93
N HIS H 53 -32.61 -6.12 7.85
CA HIS H 53 -32.91 -6.34 9.26
C HIS H 53 -33.93 -5.34 9.78
N PRO H 54 -35.22 -5.56 9.49
CA PRO H 54 -36.28 -4.59 9.80
C PRO H 54 -36.36 -4.27 11.29
N ASP H 55 -35.98 -5.25 12.08
CA ASP H 55 -36.03 -5.22 13.53
C ASP H 55 -34.91 -4.44 14.19
N THR H 56 -33.81 -4.28 13.47
CA THR H 56 -32.58 -3.79 14.05
C THR H 56 -32.29 -2.33 13.71
N GLY H 57 -31.76 -1.58 14.68
CA GLY H 57 -31.32 -0.21 14.46
C GLY H 57 -29.80 -0.10 14.56
N ILE H 58 -29.29 1.11 14.75
CA ILE H 58 -27.85 1.33 14.65
C ILE H 58 -27.38 2.57 15.41
N SER H 59 -26.24 2.44 16.10
CA SER H 59 -25.71 3.56 16.86
C SER H 59 -25.07 4.57 15.94
N SER H 60 -25.05 5.82 16.37
CA SER H 60 -24.50 6.89 15.56
C SER H 60 -23.01 6.70 15.24
N LYS H 61 -22.27 6.07 16.15
CA LYS H 61 -20.87 5.78 15.89
C LYS H 61 -20.73 4.67 14.88
N ALA H 62 -21.60 3.67 14.98
CA ALA H 62 -21.65 2.65 13.95
C ALA H 62 -21.96 3.31 12.61
N MET H 63 -22.86 4.27 12.61
CA MET H 63 -23.26 4.93 11.39
C MET H 63 -22.06 5.68 10.82
N GLY H 64 -21.23 6.21 11.70
CA GLY H 64 -19.99 6.83 11.28
C GLY H 64 -19.03 5.86 10.63
N ILE H 65 -18.89 4.66 11.19
CA ILE H 65 -18.09 3.64 10.56
C ILE H 65 -18.61 3.34 9.15
N MET H 66 -19.94 3.19 9.01
CA MET H 66 -20.54 2.83 7.73
C MET H 66 -20.38 3.93 6.71
N ASN H 67 -20.46 5.17 7.17
CA ASN H 67 -20.19 6.26 6.28
C ASN H 67 -18.78 6.26 5.77
N SER H 68 -17.83 6.10 6.68
CA SER H 68 -16.43 6.07 6.33
C SER H 68 -16.23 4.96 5.32
N PHE H 69 -16.91 3.84 5.53
CA PHE H 69 -16.82 2.71 4.64
C PHE H 69 -17.29 3.00 3.24
N VAL H 70 -18.50 3.55 3.12
CA VAL H 70 -18.98 3.87 1.78
C VAL H 70 -18.07 4.86 1.07
N ASN H 71 -17.61 5.90 1.76
CA ASN H 71 -16.69 6.86 1.12
C ASN H 71 -15.38 6.20 0.66
N ASP H 72 -14.86 5.29 1.46
CA ASP H 72 -13.61 4.62 1.17
C ASP H 72 -13.70 3.70 -0.04
N ILE H 73 -14.70 2.81 -0.06
CA ILE H 73 -14.87 1.96 -1.23
C ILE H 73 -15.18 2.81 -2.47
N PHE H 74 -15.96 3.88 -2.27
CA PHE H 74 -16.24 4.80 -3.36
C PHE H 74 -14.97 5.25 -4.02
N GLU H 75 -14.10 5.83 -3.21
CA GLU H 75 -12.88 6.44 -3.70
C GLU H 75 -11.96 5.40 -4.29
N ARG H 76 -11.91 4.20 -3.71
CA ARG H 76 -11.08 3.15 -4.29
C ARG H 76 -11.52 2.74 -5.70
N ILE H 77 -12.81 2.54 -5.86
CA ILE H 77 -13.36 2.10 -7.13
C ILE H 77 -13.20 3.20 -8.16
N ALA H 78 -13.56 4.42 -7.79
CA ALA H 78 -13.48 5.51 -8.73
C ALA H 78 -12.05 5.76 -9.15
N GLY H 79 -11.12 5.65 -8.21
CA GLY H 79 -9.71 5.83 -8.53
C GLY H 79 -9.22 4.77 -9.49
N GLU H 80 -9.58 3.52 -9.22
CA GLU H 80 -9.21 2.46 -10.15
C GLU H 80 -9.80 2.68 -11.54
N ALA H 81 -11.03 3.18 -11.57
CA ALA H 81 -11.73 3.45 -12.83
C ALA H 81 -11.07 4.59 -13.60
N SER H 82 -10.56 5.55 -12.85
CA SER H 82 -9.86 6.72 -13.40
C SER H 82 -8.57 6.28 -14.08
N ARG H 83 -7.78 5.50 -13.36
CA ARG H 83 -6.54 4.98 -13.93
C ARG H 83 -6.80 4.14 -15.15
N LEU H 84 -7.78 3.23 -15.07
CA LEU H 84 -8.18 2.43 -16.22
C LEU H 84 -8.41 3.27 -17.43
N ALA H 85 -9.20 4.33 -17.27
CA ALA H 85 -9.46 5.18 -18.45
C ALA H 85 -8.18 5.88 -18.97
N HIS H 86 -7.32 6.34 -18.06
CA HIS H 86 -6.10 7.00 -18.50
C HIS H 86 -5.16 6.06 -19.23
N TYR H 87 -4.98 4.83 -18.72
CA TYR H 87 -4.11 3.85 -19.38
C TYR H 87 -4.56 3.61 -20.79
N ASN H 88 -5.87 3.59 -20.97
CA ASN H 88 -6.46 3.29 -22.27
C ASN H 88 -6.78 4.52 -23.08
N LYS H 89 -6.23 5.64 -22.64
CA LYS H 89 -6.29 6.87 -23.39
C LYS H 89 -7.74 7.27 -23.67
N ARG H 90 -8.54 7.22 -22.62
CA ARG H 90 -9.96 7.53 -22.68
C ARG H 90 -10.37 8.55 -21.61
N SER H 91 -11.32 9.40 -21.95
CA SER H 91 -11.69 10.51 -21.10
C SER H 91 -13.04 10.33 -20.41
N THR H 92 -13.68 9.20 -20.67
CA THR H 92 -14.97 8.89 -20.10
C THR H 92 -14.86 7.69 -19.20
N ILE H 93 -15.45 7.77 -18.01
CA ILE H 93 -15.60 6.61 -17.16
C ILE H 93 -17.00 6.01 -17.36
N THR H 94 -17.07 4.81 -17.92
CA THR H 94 -18.38 4.20 -18.17
C THR H 94 -18.62 3.07 -17.21
N SER H 95 -19.75 2.39 -17.33
CA SER H 95 -20.06 1.34 -16.38
C SER H 95 -19.08 0.17 -16.61
N ARG H 96 -18.47 0.13 -17.79
CA ARG H 96 -17.40 -0.81 -18.08
C ARG H 96 -16.12 -0.60 -17.25
N GLU H 97 -15.64 0.63 -17.15
CA GLU H 97 -14.51 0.93 -16.29
C GLU H 97 -14.83 0.59 -14.86
N ILE H 98 -16.05 0.89 -14.42
CA ILE H 98 -16.48 0.60 -13.05
C ILE H 98 -16.46 -0.90 -12.81
N GLN H 99 -16.89 -1.66 -13.80
CA GLN H 99 -16.96 -3.11 -13.68
C GLN H 99 -15.57 -3.72 -13.59
N THR H 100 -14.67 -3.28 -14.46
CA THR H 100 -13.31 -3.77 -14.43
C THR H 100 -12.68 -3.39 -13.09
N ALA H 101 -12.92 -2.17 -12.64
CA ALA H 101 -12.41 -1.71 -11.36
C ALA H 101 -12.92 -2.57 -10.20
N VAL H 102 -14.19 -2.96 -10.24
CA VAL H 102 -14.73 -3.89 -9.26
C VAL H 102 -14.04 -5.24 -9.28
N ARG H 103 -13.78 -5.76 -10.49
CA ARG H 103 -13.08 -7.04 -10.56
C ARG H 103 -11.66 -6.94 -9.99
N LEU H 104 -11.00 -5.82 -10.22
CA LEU H 104 -9.67 -5.63 -9.68
C LEU H 104 -9.69 -5.50 -8.17
N LEU H 105 -10.70 -4.84 -7.63
CA LEU H 105 -10.67 -4.52 -6.21
C LEU H 105 -11.25 -5.46 -5.19
N LEU H 106 -12.25 -6.23 -5.56
CA LEU H 106 -12.96 -7.02 -4.56
C LEU H 106 -12.45 -8.47 -4.61
N PRO H 107 -12.36 -9.10 -3.44
CA PRO H 107 -11.99 -10.50 -3.46
C PRO H 107 -13.10 -11.43 -3.93
N GLY H 108 -12.85 -12.25 -4.94
CA GLY H 108 -13.65 -13.44 -5.21
C GLY H 108 -15.15 -13.33 -5.28
N GLU H 109 -15.82 -13.95 -4.31
CA GLU H 109 -17.28 -14.00 -4.36
C GLU H 109 -17.89 -12.61 -4.27
N LEU H 110 -17.23 -11.74 -3.51
CA LEU H 110 -17.68 -10.38 -3.35
C LEU H 110 -17.63 -9.70 -4.72
N ALA H 111 -16.60 -9.98 -5.48
CA ALA H 111 -16.48 -9.41 -6.81
C ALA H 111 -17.59 -9.91 -7.72
N LYS H 112 -17.82 -11.23 -7.72
CA LYS H 112 -18.92 -11.81 -8.51
C LYS H 112 -20.27 -11.21 -8.19
N HIS H 113 -20.63 -11.16 -6.92
CA HIS H 113 -21.95 -10.61 -6.56
C HIS H 113 -22.05 -9.11 -6.83
N ALA H 114 -20.94 -8.38 -6.70
CA ALA H 114 -21.03 -6.95 -7.00
C ALA H 114 -21.22 -6.72 -8.49
N VAL H 115 -20.48 -7.46 -9.31
CA VAL H 115 -20.65 -7.35 -10.74
C VAL H 115 -22.07 -7.73 -11.17
N SER H 116 -22.62 -8.75 -10.54
CA SER H 116 -24.00 -9.14 -10.82
C SER H 116 -24.99 -8.02 -10.45
N GLU H 117 -24.86 -7.47 -9.24
CA GLU H 117 -25.75 -6.40 -8.80
C GLU H 117 -25.63 -5.19 -9.68
N GLY H 118 -24.41 -4.92 -10.13
CA GLY H 118 -24.15 -3.75 -10.92
C GLY H 118 -24.79 -3.88 -12.27
N THR H 119 -24.58 -5.01 -12.94
CA THR H 119 -25.14 -5.19 -14.25
C THR H 119 -26.67 -5.16 -14.16
N LYS H 120 -27.21 -5.79 -13.11
CA LYS H 120 -28.65 -5.82 -12.88
C LYS H 120 -29.22 -4.42 -12.76
N ALA H 121 -28.58 -3.60 -11.93
CA ALA H 121 -29.05 -2.23 -11.73
C ALA H 121 -29.01 -1.43 -13.03
N VAL H 122 -27.96 -1.63 -13.81
CA VAL H 122 -27.83 -0.85 -15.02
C VAL H 122 -28.91 -1.25 -16.00
N THR H 123 -29.18 -2.54 -16.07
CA THR H 123 -30.20 -3.05 -16.98
C THR H 123 -31.59 -2.57 -16.63
N LYS H 124 -31.94 -2.68 -15.36
CA LYS H 124 -33.23 -2.22 -14.89
C LYS H 124 -33.35 -0.75 -15.21
N TYR H 125 -32.29 0.01 -14.96
CA TYR H 125 -32.31 1.45 -15.23
C TYR H 125 -32.54 1.75 -16.69
N THR H 126 -31.80 1.06 -17.55
CA THR H 126 -31.91 1.21 -18.99
C THR H 126 -33.32 0.93 -19.52
N SER H 127 -33.86 -0.23 -19.17
CA SER H 127 -35.19 -0.55 -19.66
C SER H 127 -36.19 0.49 -19.14
N ALA H 128 -36.05 0.87 -17.89
CA ALA H 128 -36.94 1.87 -17.31
C ALA H 128 -36.54 3.29 -17.72
O5' 3DR I 117 -43.21 22.58 -8.53
P 3DR I 117 -42.73 24.03 -9.02
OP1 3DR I 117 -43.92 24.84 -9.46
OP2 3DR I 117 -41.82 24.61 -7.95
C2' 3DR I 117 -41.55 20.20 -7.29
C5' 3DR I 117 -43.52 21.67 -9.59
C4' 3DR I 117 -42.77 20.36 -9.34
O4' 3DR I 117 -41.37 20.53 -9.60
C1' 3DR I 117 -40.59 20.15 -8.46
C3' 3DR I 117 -42.91 19.96 -7.90
O3' 3DR I 117 -43.22 18.56 -7.93
O5' 3DR J 117 6.79 33.51 -39.34
P 3DR J 117 6.99 33.80 -37.76
OP1 3DR J 117 8.47 33.79 -37.49
OP2 3DR J 117 6.20 35.04 -37.36
C2' 3DR J 117 7.54 29.32 -41.33
C5' 3DR J 117 7.74 32.71 -40.04
C4' 3DR J 117 7.40 31.24 -39.84
O4' 3DR J 117 6.09 30.95 -40.36
C1' 3DR J 117 6.09 29.66 -41.01
C3' 3DR J 117 8.39 30.30 -40.54
O3' 3DR J 117 9.23 29.57 -39.63
CL CL K . 15.53 -8.87 23.75
CL CL L . 1.23 28.23 -8.90
MN MN M . -5.38 -24.94 -17.70
CL CL N . 8.05 -26.76 9.41
CL CL O . -22.00 4.37 -18.81
MN MN P . -27.75 -5.95 49.41
MN MN Q . -27.17 24.99 -25.84
MN MN R . -37.55 13.90 3.30
MN MN S . -4.67 -9.51 -39.55
MN MN T . 8.57 -10.98 -41.49
MN MN U . -16.36 33.80 -7.06
MN MN V . -23.39 -3.70 33.70
MN MN W . 13.10 -23.30 42.10
MN MN X . 16.41 23.35 -33.23
MN MN Y . -13.61 13.69 -32.65
MN MN Z . 34.69 -9.69 -17.46
MN MN AA . -11.17 36.61 17.28
MN MN BA . 28.59 -36.64 14.43
MN MN CA . -21.12 24.43 -34.49
#